data_4ALF
#
_entry.id   4ALF
#
_cell.length_a   69.099
_cell.length_b   71.035
_cell.length_c   228.501
_cell.angle_alpha   90.00
_cell.angle_beta   90.00
_cell.angle_gamma   90.00
#
_symmetry.space_group_name_H-M   'P 21 21 21'
#
loop_
_entity.id
_entity.type
_entity.pdbx_description
1 polymer 'ALKALINE PHOSPHATASE PHOX'
2 non-polymer 'PHOSPHATE ION'
3 non-polymer 'CALCIUM ION'
4 non-polymer MU-OXO-DIIRON
5 non-polymer 1,2-ETHANEDIOL
6 non-polymer 'CHLORIDE ION'
7 water water
#
_entity_poly.entity_id   1
_entity_poly.type   'polypeptide(L)'
_entity_poly.pdbx_seq_one_letter_code
;ASVSAGNSRLLGFDSIPAATTDTISLPKGYKSSVLISWGQPLHKNGPAFDPSGNGTAAAQEVQFGDNNDGMSLFEFPGEK
NRALMAINNEYTNYRYLYPHGGMPQSAEDVRKALACEGVSVIEVQRKNGQWQFVQGSRYNRRIHGNSPLRISGPAAGHEL
MKTSADKHGKKVLGTFQNCANGKTPWGTYLTCEENFTDCFGSSNAQQQFDPAQKRYGVSAASREINWHPFDPRFDMAKNP
NELNRHGWVVEIDPFDPQSTPVKRTALGRFKHENAALAETDDGRAVVYMGDDERGEFIYKFVSRDKINHRNAKANRDILD
HGTLYVARFDAGDGNPDHPKGQGQWIELTHGKNGIDASSGFADQAEVLIHARLAASVVGATRMDRPEWIVVSPKDGQVYC
TLTNNAKRGEDGQPVGGPNPREKNVYGQILRWRTDRDDHASKTFAWDLFVVAGNPSVHAGTPKGGSSNITPQNMFNSPDG
LGFDKAGRLWILTDGDSSNAGDFAGMGNNQMLCADPATGEIRRFMVGPIGCEVTGISFSPDQKTLFVGIQHPGENGGSTF
PEHLPNGKPRSSVMAITREDGGIVGAHHHHHH
;
_entity_poly.pdbx_strand_id   A,B
#
# COMPACT_ATOMS: atom_id res chain seq x y z
N SER A 8 35.93 4.82 39.57
CA SER A 8 35.06 5.92 39.12
C SER A 8 33.86 6.11 40.05
N ARG A 9 33.51 7.37 40.25
CA ARG A 9 32.27 7.76 40.93
C ARG A 9 31.06 7.40 40.06
N LEU A 10 31.26 7.43 38.74
CA LEU A 10 30.17 7.29 37.78
C LEU A 10 29.91 5.87 37.34
N LEU A 11 30.91 5.00 37.41
CA LEU A 11 30.80 3.64 36.85
C LEU A 11 30.55 2.67 37.99
N GLY A 12 29.30 2.20 38.12
CA GLY A 12 28.90 1.42 39.29
C GLY A 12 28.86 -0.07 39.10
N PHE A 13 29.26 -0.55 37.94
CA PHE A 13 29.26 -1.98 37.62
C PHE A 13 30.66 -2.42 37.19
N ASP A 14 30.95 -3.71 37.30
CA ASP A 14 32.25 -4.26 36.88
C ASP A 14 32.18 -4.62 35.41
N SER A 15 33.20 -4.26 34.64
CA SER A 15 33.30 -4.57 33.22
C SER A 15 33.07 -6.07 32.97
N ILE A 16 32.16 -6.37 32.04
CA ILE A 16 31.82 -7.76 31.71
C ILE A 16 32.72 -8.34 30.63
N PRO A 17 32.94 -9.67 30.63
CA PRO A 17 33.70 -10.26 29.53
C PRO A 17 33.03 -10.11 28.17
N ALA A 18 33.83 -10.15 27.11
CA ALA A 18 33.29 -10.27 25.78
C ALA A 18 32.49 -11.58 25.68
N ALA A 19 31.56 -11.65 24.74
CA ALA A 19 30.74 -12.83 24.56
C ALA A 19 30.42 -13.08 23.11
N THR A 20 30.11 -14.33 22.80
CA THR A 20 29.79 -14.74 21.44
C THR A 20 28.43 -15.42 21.35
N THR A 21 27.68 -15.44 22.44
CA THR A 21 26.39 -16.14 22.52
C THR A 21 25.27 -15.37 21.82
N ASP A 22 24.20 -16.08 21.45
CA ASP A 22 23.02 -15.47 20.79
C ASP A 22 22.01 -14.93 21.80
N THR A 23 22.51 -14.12 22.73
N THR A 23 22.48 -14.11 22.72
CA THR A 23 21.77 -13.62 23.86
CA THR A 23 21.64 -13.55 23.76
C THR A 23 22.22 -12.20 24.19
C THR A 23 22.22 -12.21 24.21
N ILE A 24 21.57 -11.60 25.19
CA ILE A 24 22.03 -10.36 25.80
C ILE A 24 22.82 -10.75 27.05
N SER A 25 24.07 -10.30 27.16
CA SER A 25 24.88 -10.47 28.36
C SER A 25 25.02 -9.12 29.07
N LEU A 26 24.86 -9.10 30.39
CA LEU A 26 24.81 -7.89 31.21
C LEU A 26 25.62 -8.13 32.50
N PRO A 27 25.88 -7.09 33.29
CA PRO A 27 26.57 -7.32 34.58
C PRO A 27 25.64 -7.94 35.63
N LYS A 28 26.19 -8.36 36.76
CA LYS A 28 25.41 -8.90 37.88
CA LYS A 28 25.39 -8.92 37.83
C LYS A 28 24.31 -7.94 38.25
N GLY A 29 23.11 -8.47 38.49
CA GLY A 29 22.01 -7.65 38.99
C GLY A 29 21.22 -6.88 37.94
N TYR A 30 21.54 -7.09 36.67
CA TYR A 30 20.83 -6.49 35.54
C TYR A 30 20.02 -7.51 34.77
N LYS A 31 18.90 -7.07 34.22
CA LYS A 31 18.06 -7.92 33.39
C LYS A 31 17.61 -7.16 32.16
N SER A 32 17.15 -7.92 31.18
CA SER A 32 16.64 -7.39 29.93
C SER A 32 15.32 -8.03 29.54
N SER A 33 14.51 -7.27 28.83
CA SER A 33 13.25 -7.75 28.31
CA SER A 33 13.23 -7.74 28.32
C SER A 33 13.00 -7.11 26.95
N VAL A 34 12.30 -7.81 26.06
CA VAL A 34 11.97 -7.26 24.75
C VAL A 34 10.81 -6.28 24.91
N LEU A 35 11.00 -5.03 24.50
CA LEU A 35 9.92 -4.03 24.49
C LEU A 35 9.04 -4.24 23.28
N ILE A 36 9.66 -4.30 22.10
CA ILE A 36 8.96 -4.47 20.83
C ILE A 36 9.94 -5.00 19.78
N SER A 37 9.44 -5.77 18.80
CA SER A 37 10.26 -6.33 17.72
C SER A 37 9.65 -5.98 16.38
N TRP A 38 10.50 -5.98 15.34
CA TRP A 38 10.07 -5.89 13.94
C TRP A 38 8.83 -6.72 13.73
N GLY A 39 7.78 -6.12 13.12
CA GLY A 39 6.58 -6.85 12.75
C GLY A 39 5.42 -6.75 13.73
N GLN A 40 5.64 -6.20 14.90
CA GLN A 40 4.59 -6.06 15.90
C GLN A 40 3.49 -5.14 15.39
N PRO A 41 2.23 -5.62 15.32
CA PRO A 41 1.17 -4.67 14.96
C PRO A 41 1.00 -3.54 15.96
N LEU A 42 0.80 -2.32 15.45
CA LEU A 42 0.72 -1.15 16.31
C LEU A 42 -0.69 -0.82 16.76
N HIS A 43 -1.69 -1.24 16.00
CA HIS A 43 -3.05 -0.82 16.27
C HIS A 43 -3.94 -1.95 16.73
N LYS A 44 -5.06 -1.58 17.37
CA LYS A 44 -5.98 -2.60 17.84
CA LYS A 44 -6.02 -2.57 17.84
C LYS A 44 -6.49 -3.41 16.66
N ASN A 45 -6.53 -4.72 16.84
CA ASN A 45 -6.94 -5.68 15.78
C ASN A 45 -5.95 -5.76 14.62
N GLY A 46 -4.75 -5.21 14.80
CA GLY A 46 -3.76 -5.20 13.75
C GLY A 46 -3.26 -6.57 13.37
N PRO A 47 -2.68 -6.70 12.17
CA PRO A 47 -2.22 -8.00 11.68
C PRO A 47 -1.00 -8.54 12.45
N ALA A 48 -1.09 -9.78 12.90
CA ALA A 48 0.02 -10.40 13.61
C ALA A 48 1.23 -10.58 12.70
N PHE A 49 2.39 -10.48 13.32
CA PHE A 49 3.63 -10.85 12.63
C PHE A 49 3.54 -12.26 12.05
N ASP A 50 3.94 -12.42 10.80
CA ASP A 50 3.90 -13.71 10.11
C ASP A 50 5.34 -14.18 9.88
N PRO A 51 5.83 -15.14 10.68
CA PRO A 51 7.21 -15.57 10.54
C PRO A 51 7.55 -16.28 9.22
N SER A 52 6.54 -16.66 8.45
CA SER A 52 6.78 -17.27 7.15
C SER A 52 7.22 -16.27 6.08
N GLY A 53 7.10 -14.97 6.36
CA GLY A 53 7.41 -13.94 5.36
C GLY A 53 6.26 -13.56 4.44
N ASN A 54 5.12 -14.21 4.60
CA ASN A 54 3.97 -13.93 3.74
C ASN A 54 3.15 -12.71 4.15
N GLY A 55 3.59 -11.97 5.17
CA GLY A 55 2.89 -10.74 5.51
C GLY A 55 2.87 -9.80 4.31
N THR A 56 1.81 -8.99 4.19
CA THR A 56 1.69 -8.09 3.06
C THR A 56 2.40 -6.75 3.32
N ALA A 57 2.60 -6.00 2.24
CA ALA A 57 3.12 -4.63 2.35
C ALA A 57 2.18 -3.78 3.18
N ALA A 58 0.85 -3.88 2.94
CA ALA A 58 -0.09 -3.08 3.69
C ALA A 58 -0.03 -3.39 5.18
N ALA A 59 0.17 -4.67 5.55
CA ALA A 59 0.34 -5.05 6.94
C ALA A 59 1.63 -4.41 7.52
N GLN A 60 2.72 -4.45 6.76
CA GLN A 60 3.97 -3.89 7.26
C GLN A 60 3.85 -2.38 7.52
N GLU A 61 2.98 -1.71 6.75
CA GLU A 61 2.74 -0.27 6.93
C GLU A 61 2.08 0.05 8.29
N VAL A 62 1.50 -0.96 8.94
CA VAL A 62 0.90 -0.79 10.27
C VAL A 62 1.54 -1.66 11.35
N GLN A 63 2.77 -2.10 11.08
CA GLN A 63 3.58 -2.88 12.02
C GLN A 63 4.90 -2.14 12.29
N PHE A 64 5.45 -2.39 13.46
CA PHE A 64 6.78 -1.92 13.79
C PHE A 64 7.72 -2.26 12.64
N GLY A 65 8.54 -1.28 12.24
CA GLY A 65 9.43 -1.46 11.10
C GLY A 65 10.62 -2.33 11.43
N ASP A 66 11.42 -2.58 10.41
CA ASP A 66 12.59 -3.47 10.52
C ASP A 66 13.83 -2.66 10.97
N ASN A 67 14.87 -3.37 11.36
CA ASN A 67 16.20 -2.83 11.68
C ASN A 67 16.12 -1.52 12.46
N ASN A 68 15.48 -1.57 13.62
N ASN A 68 15.50 -1.60 13.64
CA ASN A 68 15.38 -0.40 14.45
CA ASN A 68 15.42 -0.47 14.55
C ASN A 68 16.77 0.14 14.79
C ASN A 68 16.79 0.13 14.84
N ASP A 69 16.82 1.46 14.91
CA ASP A 69 18.08 2.20 14.96
C ASP A 69 17.91 3.35 15.95
N GLY A 70 18.17 4.60 15.58
CA GLY A 70 18.11 5.68 16.54
C GLY A 70 16.71 5.88 17.09
N MET A 71 16.63 6.39 18.31
CA MET A 71 15.36 6.57 18.99
C MET A 71 15.45 7.57 20.15
N SER A 72 14.32 8.23 20.42
CA SER A 72 14.18 9.14 21.55
C SER A 72 12.91 8.86 22.32
N LEU A 73 12.96 9.16 23.60
CA LEU A 73 11.80 9.06 24.47
C LEU A 73 11.33 10.45 24.87
N PHE A 74 10.02 10.64 24.86
CA PHE A 74 9.36 11.88 25.23
C PHE A 74 8.45 11.66 26.41
N GLU A 75 8.64 12.48 27.44
CA GLU A 75 7.78 12.46 28.60
C GLU A 75 6.36 12.85 28.28
N PHE A 76 5.42 12.27 28.99
N PHE A 76 5.39 12.21 28.92
CA PHE A 76 4.05 12.58 28.78
CA PHE A 76 4.01 12.62 28.77
C PHE A 76 3.67 13.64 29.82
C PHE A 76 3.69 13.66 29.82
N PRO A 77 3.31 14.85 29.38
CA PRO A 77 2.89 15.89 30.32
C PRO A 77 1.84 15.40 31.32
N GLY A 78 2.13 15.57 32.61
CA GLY A 78 1.23 15.23 33.71
C GLY A 78 1.10 13.77 34.10
N GLU A 79 1.86 12.87 33.46
CA GLU A 79 1.68 11.42 33.68
CA GLU A 79 1.69 11.42 33.68
C GLU A 79 3.03 10.69 33.65
N LYS A 80 3.59 10.42 34.84
CA LYS A 80 4.91 9.83 34.95
CA LYS A 80 4.91 9.82 34.96
C LYS A 80 4.97 8.37 34.48
N ASN A 81 3.82 7.72 34.36
CA ASN A 81 3.78 6.30 33.94
C ASN A 81 3.44 6.12 32.47
N ARG A 82 3.51 7.20 31.68
CA ARG A 82 3.34 7.14 30.22
CA ARG A 82 3.33 7.17 30.24
C ARG A 82 4.50 7.85 29.54
N ALA A 83 4.84 7.41 28.33
CA ALA A 83 5.84 8.10 27.52
C ALA A 83 5.62 7.74 26.07
N LEU A 84 6.13 8.54 25.14
CA LEU A 84 6.18 8.15 23.75
C LEU A 84 7.63 7.88 23.36
N MET A 85 7.82 6.94 22.45
CA MET A 85 9.12 6.74 21.85
C MET A 85 8.98 6.85 20.35
N ALA A 86 9.93 7.53 19.73
CA ALA A 86 10.02 7.60 18.29
C ALA A 86 11.26 6.83 17.93
N ILE A 87 11.12 5.81 17.08
CA ILE A 87 12.19 4.84 16.82
C ILE A 87 12.37 4.69 15.30
N ASN A 88 13.58 4.96 14.81
CA ASN A 88 13.87 4.79 13.40
C ASN A 88 13.96 3.33 12.98
N ASN A 89 13.59 3.12 11.73
CA ASN A 89 13.67 1.83 11.08
C ASN A 89 14.51 2.02 9.83
N GLU A 90 15.74 1.51 9.86
CA GLU A 90 16.71 1.95 8.87
C GLU A 90 16.63 1.25 7.51
N TYR A 91 16.50 -0.08 7.54
CA TYR A 91 16.54 -0.86 6.30
C TYR A 91 15.91 -2.20 6.56
N THR A 92 16.03 -3.12 5.63
CA THR A 92 15.43 -4.45 5.84
C THR A 92 16.36 -5.54 5.35
N ASN A 93 16.05 -6.76 5.77
CA ASN A 93 16.88 -7.94 5.51
C ASN A 93 16.09 -8.83 4.58
N TYR A 94 16.40 -8.80 3.30
CA TYR A 94 15.61 -9.53 2.32
C TYR A 94 15.49 -11.03 2.60
N ARG A 95 16.52 -11.62 3.21
CA ARG A 95 16.50 -13.05 3.53
C ARG A 95 15.34 -13.41 4.48
N TYR A 96 14.89 -12.44 5.27
CA TYR A 96 13.80 -12.64 6.24
C TYR A 96 12.50 -11.93 5.84
N LEU A 97 12.60 -10.88 5.04
CA LEU A 97 11.41 -10.07 4.70
C LEU A 97 10.45 -10.82 3.80
N TYR A 98 10.99 -11.53 2.83
CA TYR A 98 10.19 -12.16 1.79
C TYR A 98 10.23 -13.67 1.94
N PRO A 99 9.17 -14.38 1.53
CA PRO A 99 9.20 -15.85 1.60
C PRO A 99 10.28 -16.42 0.67
N HIS A 100 10.60 -15.73 -0.43
CA HIS A 100 11.60 -16.18 -1.39
C HIS A 100 13.00 -15.81 -0.97
N GLY A 101 13.12 -14.94 0.05
CA GLY A 101 14.41 -14.64 0.66
C GLY A 101 15.43 -13.90 -0.16
N GLY A 102 15.00 -13.32 -1.28
CA GLY A 102 15.90 -12.64 -2.21
C GLY A 102 15.48 -11.24 -2.58
N MET A 103 15.96 -10.76 -3.72
CA MET A 103 15.64 -9.42 -4.18
C MET A 103 14.17 -9.26 -4.49
N PRO A 104 13.64 -8.02 -4.39
CA PRO A 104 12.23 -7.79 -4.73
C PRO A 104 11.88 -8.31 -6.12
N GLN A 105 10.70 -8.89 -6.24
CA GLN A 105 10.20 -9.52 -7.46
C GLN A 105 9.01 -8.81 -8.08
N SER A 106 8.59 -7.69 -7.47
CA SER A 106 7.35 -7.05 -7.86
C SER A 106 7.20 -5.69 -7.20
N ALA A 107 6.20 -4.96 -7.66
CA ALA A 107 5.85 -3.68 -7.06
C ALA A 107 5.41 -3.85 -5.61
N GLU A 108 4.65 -4.91 -5.32
CA GLU A 108 4.27 -5.16 -3.94
C GLU A 108 5.49 -5.46 -3.05
N ASP A 109 6.45 -6.23 -3.57
CA ASP A 109 7.69 -6.46 -2.78
C ASP A 109 8.40 -5.13 -2.48
N VAL A 110 8.45 -4.22 -3.46
CA VAL A 110 9.11 -2.91 -3.23
C VAL A 110 8.36 -2.12 -2.18
N ARG A 111 7.02 -2.11 -2.27
CA ARG A 111 6.20 -1.43 -1.28
CA ARG A 111 6.18 -1.42 -1.27
C ARG A 111 6.46 -2.00 0.12
N LYS A 112 6.65 -3.30 0.19
CA LYS A 112 6.88 -3.96 1.44
C LYS A 112 8.21 -3.54 2.08
N ALA A 113 9.24 -3.40 1.26
CA ALA A 113 10.55 -2.93 1.73
C ALA A 113 10.47 -1.46 2.21
N LEU A 114 9.80 -0.61 1.42
CA LEU A 114 9.60 0.79 1.81
C LEU A 114 8.80 0.88 3.11
N ALA A 115 7.86 -0.02 3.28
CA ALA A 115 7.05 -0.03 4.51
C ALA A 115 7.86 -0.36 5.76
N CYS A 116 8.93 -1.10 5.58
CA CYS A 116 9.83 -1.48 6.68
C CYS A 116 10.64 -0.33 7.24
N GLU A 117 10.79 0.74 6.46
CA GLU A 117 11.72 1.83 6.78
C GLU A 117 10.93 3.03 7.23
N GLY A 118 11.60 3.95 7.89
CA GLY A 118 10.99 5.19 8.32
C GLY A 118 11.10 5.31 9.83
N VAL A 119 9.97 5.60 10.47
CA VAL A 119 9.89 5.80 11.91
C VAL A 119 8.65 5.04 12.44
N SER A 120 8.80 4.52 13.64
CA SER A 120 7.70 3.99 14.44
C SER A 120 7.56 4.81 15.70
N VAL A 121 6.41 5.47 15.86
CA VAL A 121 6.06 6.16 17.10
C VAL A 121 5.18 5.22 17.91
N ILE A 122 5.57 4.99 19.17
CA ILE A 122 4.80 4.14 20.05
C ILE A 122 4.61 4.76 21.44
N GLU A 123 3.51 4.40 22.07
CA GLU A 123 3.32 4.69 23.48
C GLU A 123 3.81 3.52 24.33
N VAL A 124 4.48 3.86 25.43
CA VAL A 124 4.85 2.91 26.46
C VAL A 124 4.26 3.36 27.79
N GLN A 125 3.95 2.39 28.63
CA GLN A 125 3.36 2.65 29.94
C GLN A 125 4.03 1.76 30.99
N ARG A 126 4.07 2.24 32.22
CA ARG A 126 4.85 1.56 33.22
C ARG A 126 3.98 0.73 34.14
N LYS A 127 2.79 1.18 34.53
CA LYS A 127 1.85 0.30 35.29
C LYS A 127 2.34 -0.21 36.67
N ASN A 128 3.56 -0.76 36.69
CA ASN A 128 4.22 -1.28 37.90
C ASN A 128 5.60 -0.62 38.04
N GLY A 129 6.68 -1.35 37.74
CA GLY A 129 7.99 -0.73 37.48
C GLY A 129 8.51 -0.97 36.06
N GLN A 130 7.79 -1.78 35.30
CA GLN A 130 8.22 -2.23 33.99
CA GLN A 130 8.24 -2.23 34.00
C GLN A 130 7.52 -1.48 32.85
N TRP A 131 8.29 -0.89 31.95
CA TRP A 131 7.75 -0.22 30.78
C TRP A 131 7.34 -1.22 29.74
N GLN A 132 6.13 -1.07 29.20
CA GLN A 132 5.63 -1.95 28.17
C GLN A 132 4.94 -1.18 27.05
N PHE A 133 5.06 -1.71 25.85
CA PHE A 133 4.34 -1.20 24.69
C PHE A 133 2.83 -1.27 24.85
N VAL A 134 2.16 -0.19 24.48
CA VAL A 134 0.70 -0.08 24.51
C VAL A 134 0.18 -0.17 23.07
N GLN A 135 -0.17 -1.38 22.63
CA GLN A 135 -0.80 -1.55 21.33
C GLN A 135 -2.14 -0.84 21.37
N GLY A 136 -2.52 -0.19 20.28
CA GLY A 136 -3.83 0.49 20.25
C GLY A 136 -3.83 1.93 20.76
N SER A 137 -2.70 2.46 21.21
CA SER A 137 -2.66 3.86 21.62
C SER A 137 -2.94 4.76 20.42
N ARG A 138 -3.63 5.89 20.66
CA ARG A 138 -3.93 6.84 19.58
CA ARG A 138 -3.93 6.83 19.57
C ARG A 138 -2.66 7.51 19.04
N TYR A 139 -1.56 7.42 19.80
CA TYR A 139 -0.29 8.02 19.38
C TYR A 139 0.53 7.10 18.50
N ASN A 140 0.21 5.82 18.44
CA ASN A 140 1.01 4.87 17.67
C ASN A 140 0.93 5.19 16.18
N ARG A 141 2.05 5.16 15.47
CA ARG A 141 2.06 5.58 14.06
C ARG A 141 3.27 5.04 13.34
N ARG A 142 3.05 4.68 12.08
CA ARG A 142 4.15 4.45 11.16
C ARG A 142 4.28 5.61 10.19
N ILE A 143 5.52 6.09 10.04
CA ILE A 143 5.92 6.93 8.92
C ILE A 143 6.88 6.04 8.12
N HIS A 144 6.66 5.94 6.82
CA HIS A 144 7.44 4.98 6.06
C HIS A 144 7.85 5.53 4.71
N GLY A 145 8.45 4.70 3.91
CA GLY A 145 9.02 5.16 2.67
C GLY A 145 8.03 5.63 1.61
N ASN A 146 6.73 5.37 1.81
CA ASN A 146 5.70 5.87 0.92
C ASN A 146 4.75 6.85 1.61
N SER A 147 5.15 7.42 2.74
CA SER A 147 4.27 8.36 3.47
C SER A 147 4.36 9.77 2.87
N PRO A 148 3.23 10.51 2.82
CA PRO A 148 3.30 11.89 2.32
C PRO A 148 4.00 12.83 3.29
N LEU A 149 5.08 13.48 2.85
CA LEU A 149 5.82 14.43 3.65
C LEU A 149 5.92 15.78 2.92
N ARG A 150 6.35 16.79 3.65
CA ARG A 150 6.55 18.14 3.09
C ARG A 150 8.05 18.47 3.12
N ILE A 151 8.45 19.38 2.24
CA ILE A 151 9.80 19.92 2.19
C ILE A 151 9.72 21.40 2.58
N SER A 152 10.62 21.85 3.47
CA SER A 152 10.67 23.26 3.87
CA SER A 152 10.67 23.26 3.87
C SER A 152 12.11 23.76 3.89
N GLY A 153 12.28 25.05 4.13
CA GLY A 153 13.59 25.67 4.19
C GLY A 153 14.02 26.18 2.82
N PRO A 154 15.30 26.61 2.74
CA PRO A 154 15.74 27.35 1.55
C PRO A 154 15.73 26.60 0.22
N ALA A 155 15.77 25.27 0.24
CA ALA A 155 15.77 24.50 -0.99
C ALA A 155 14.35 24.08 -1.41
N ALA A 156 13.34 24.28 -0.56
CA ALA A 156 11.99 23.90 -0.95
C ALA A 156 11.57 24.72 -2.17
N GLY A 157 10.93 24.07 -3.14
CA GLY A 157 10.48 24.75 -4.36
C GLY A 157 11.55 25.00 -5.42
N HIS A 158 12.80 24.59 -5.18
CA HIS A 158 13.86 24.82 -6.13
C HIS A 158 13.69 23.93 -7.33
N GLU A 159 14.14 24.35 -8.50
CA GLU A 159 14.07 23.51 -9.70
C GLU A 159 14.62 22.09 -9.47
N LEU A 160 15.71 21.98 -8.72
CA LEU A 160 16.35 20.68 -8.52
C LEU A 160 15.53 19.74 -7.64
N MET A 161 14.51 20.29 -7.00
CA MET A 161 13.61 19.54 -6.12
C MET A 161 12.27 19.19 -6.78
N LYS A 162 12.09 19.52 -8.07
CA LYS A 162 10.83 19.26 -8.79
C LYS A 162 10.98 17.98 -9.59
N THR A 163 9.90 17.18 -9.60
CA THR A 163 9.82 15.99 -10.41
C THR A 163 8.50 15.98 -11.18
N SER A 164 8.31 15.01 -12.06
CA SER A 164 7.08 14.91 -12.83
CA SER A 164 7.08 14.91 -12.83
C SER A 164 5.87 14.74 -11.90
N ALA A 165 6.06 13.96 -10.82
CA ALA A 165 4.98 13.71 -9.84
C ALA A 165 4.78 14.83 -8.82
N ASP A 166 5.81 15.66 -8.65
CA ASP A 166 5.70 16.85 -7.78
C ASP A 166 6.30 18.07 -8.45
N LYS A 167 5.47 18.75 -9.22
CA LYS A 167 5.93 19.86 -10.04
C LYS A 167 6.33 21.09 -9.21
N HIS A 168 5.94 21.16 -7.94
CA HIS A 168 6.20 22.34 -7.11
C HIS A 168 7.38 22.23 -6.17
N GLY A 169 7.97 21.03 -6.03
CA GLY A 169 9.15 20.85 -5.20
C GLY A 169 8.96 21.03 -3.73
N LYS A 170 7.76 20.72 -3.25
CA LYS A 170 7.41 20.90 -1.84
C LYS A 170 6.77 19.69 -1.15
N LYS A 171 6.46 18.66 -1.93
CA LYS A 171 5.77 17.46 -1.44
C LYS A 171 6.51 16.20 -1.88
N VAL A 172 6.97 15.44 -0.91
CA VAL A 172 7.82 14.29 -1.13
C VAL A 172 7.19 13.05 -0.52
N LEU A 173 7.35 11.93 -1.23
CA LEU A 173 6.94 10.64 -0.68
C LEU A 173 8.08 9.99 0.07
N GLY A 174 7.88 9.76 1.35
CA GLY A 174 8.74 8.92 2.10
C GLY A 174 9.89 9.60 2.80
N THR A 175 10.23 8.98 3.92
CA THR A 175 11.57 9.04 4.47
C THR A 175 11.98 7.58 4.65
N PHE A 176 13.22 7.27 4.27
CA PHE A 176 13.69 5.89 4.30
C PHE A 176 15.18 5.92 4.60
N GLN A 177 15.79 4.77 4.91
CA GLN A 177 17.19 4.71 5.33
C GLN A 177 17.42 5.61 6.55
N ASN A 178 16.41 5.63 7.45
CA ASN A 178 16.44 6.40 8.67
C ASN A 178 17.39 5.79 9.66
N CYS A 179 18.46 6.52 9.94
CA CYS A 179 19.58 6.05 10.72
C CYS A 179 19.45 6.46 12.16
N ALA A 180 19.97 7.61 12.55
CA ALA A 180 19.80 8.04 13.93
C ALA A 180 19.04 9.36 14.05
N ASN A 181 19.16 10.01 15.19
CA ASN A 181 18.09 10.82 15.72
C ASN A 181 18.56 12.09 16.39
N GLY A 182 17.59 12.98 16.64
CA GLY A 182 17.73 14.10 17.56
C GLY A 182 16.44 14.32 18.28
N LYS A 183 16.50 14.99 19.43
CA LYS A 183 15.32 15.35 20.21
C LYS A 183 15.42 16.85 20.49
N THR A 184 14.39 17.61 20.13
CA THR A 184 14.49 19.06 20.29
C THR A 184 13.88 19.51 21.61
N PRO A 185 14.28 20.69 22.08
CA PRO A 185 13.67 21.23 23.30
C PRO A 185 12.31 21.87 23.06
N TRP A 186 11.76 21.75 21.87
CA TRP A 186 10.37 22.15 21.60
C TRP A 186 9.51 20.93 21.30
N GLY A 187 9.92 19.76 21.79
CA GLY A 187 9.05 18.59 21.81
C GLY A 187 8.91 17.86 20.49
N THR A 188 9.92 17.94 19.63
CA THR A 188 9.87 17.22 18.37
C THR A 188 11.06 16.31 18.18
N TYR A 189 10.92 15.44 17.20
CA TYR A 189 11.87 14.39 16.92
C TYR A 189 12.51 14.67 15.57
N LEU A 190 13.81 14.48 15.50
CA LEU A 190 14.53 14.57 14.23
C LEU A 190 14.98 13.18 13.83
N THR A 191 14.76 12.84 12.57
CA THR A 191 15.18 11.57 12.02
C THR A 191 16.06 11.88 10.80
N CYS A 192 17.12 11.09 10.65
CA CYS A 192 18.19 11.41 9.71
C CYS A 192 18.27 10.39 8.59
N GLU A 193 18.19 10.85 7.35
CA GLU A 193 18.34 9.99 6.17
C GLU A 193 19.80 9.84 5.81
N GLU A 194 20.27 8.59 5.89
CA GLU A 194 21.70 8.28 5.70
C GLU A 194 21.96 7.68 4.33
N ASN A 195 21.90 6.36 4.18
CA ASN A 195 22.31 5.70 2.94
C ASN A 195 21.20 5.64 1.90
N PHE A 196 20.61 6.81 1.69
CA PHE A 196 19.46 6.93 0.78
C PHE A 196 19.82 6.62 -0.67
N THR A 197 21.06 6.92 -1.06
CA THR A 197 21.49 6.77 -2.43
C THR A 197 21.51 5.31 -2.85
N ASP A 198 21.69 4.41 -1.88
CA ASP A 198 21.73 2.97 -2.14
C ASP A 198 20.47 2.48 -2.86
N CYS A 199 19.34 3.16 -2.60
CA CYS A 199 18.01 2.75 -3.06
C CYS A 199 17.72 3.12 -4.51
N PHE A 200 18.59 3.92 -5.12
CA PHE A 200 18.41 4.42 -6.47
C PHE A 200 19.23 3.61 -7.47
N GLY A 201 18.68 3.46 -8.66
CA GLY A 201 19.37 2.82 -9.78
C GLY A 201 18.95 3.51 -11.06
N SER A 202 19.21 2.85 -12.18
CA SER A 202 18.79 3.34 -13.48
C SER A 202 18.43 2.21 -14.42
N SER A 203 17.39 2.40 -15.21
CA SER A 203 17.06 1.48 -16.29
C SER A 203 17.97 1.68 -17.50
N ASN A 204 18.86 2.68 -17.45
CA ASN A 204 19.93 2.85 -18.43
C ASN A 204 21.25 2.51 -17.76
N ALA A 205 21.75 1.29 -17.98
CA ALA A 205 22.98 0.86 -17.32
C ALA A 205 24.19 1.73 -17.64
N GLN A 206 24.14 2.39 -18.80
CA GLN A 206 25.21 3.29 -19.24
C GLN A 206 24.95 4.77 -18.89
N GLN A 207 24.02 5.04 -17.98
CA GLN A 207 23.74 6.39 -17.51
CA GLN A 207 23.76 6.42 -17.60
C GLN A 207 25.03 7.08 -17.07
N GLN A 208 25.26 8.30 -17.55
CA GLN A 208 26.44 9.08 -17.19
C GLN A 208 26.03 10.09 -16.10
N PHE A 209 26.46 9.81 -14.88
CA PHE A 209 26.06 10.63 -13.75
C PHE A 209 26.89 11.91 -13.71
N ASP A 210 26.26 13.00 -13.26
CA ASP A 210 26.94 14.31 -13.17
C ASP A 210 27.81 14.35 -11.91
N PRO A 211 28.66 15.38 -11.75
CA PRO A 211 29.58 15.38 -10.59
C PRO A 211 28.91 15.30 -9.23
N ALA A 212 27.76 15.94 -9.07
CA ALA A 212 27.06 15.93 -7.78
C ALA A 212 26.47 14.55 -7.51
N GLN A 213 25.95 13.92 -8.55
CA GLN A 213 25.41 12.56 -8.44
C GLN A 213 26.53 11.59 -8.05
N LYS A 214 27.68 11.73 -8.70
CA LYS A 214 28.83 10.88 -8.40
C LYS A 214 29.37 11.05 -6.98
N ARG A 215 29.41 12.31 -6.52
CA ARG A 215 29.91 12.60 -5.19
C ARG A 215 29.02 11.99 -4.10
N TYR A 216 27.72 11.90 -4.37
CA TYR A 216 26.79 11.26 -3.43
C TYR A 216 26.73 9.72 -3.59
N GLY A 217 27.37 9.16 -4.61
CA GLY A 217 27.60 7.73 -4.70
C GLY A 217 26.53 6.89 -5.35
N VAL A 218 25.70 7.51 -6.19
CA VAL A 218 24.66 6.78 -6.89
C VAL A 218 25.28 5.88 -7.97
N SER A 219 24.63 4.76 -8.27
CA SER A 219 25.05 3.82 -9.32
C SER A 219 23.79 3.35 -10.05
N ALA A 220 23.96 2.89 -11.29
CA ALA A 220 22.85 2.36 -12.07
C ALA A 220 22.29 1.07 -11.49
N ALA A 221 23.14 0.27 -10.86
CA ALA A 221 22.71 -1.01 -10.35
C ALA A 221 21.94 -0.91 -9.03
N SER A 222 22.08 0.21 -8.31
CA SER A 222 21.73 0.32 -6.87
C SER A 222 22.66 -0.53 -6.03
N ARG A 223 22.64 -0.36 -4.70
CA ARG A 223 23.52 -1.14 -3.84
C ARG A 223 22.73 -2.36 -3.32
N GLU A 224 22.40 -3.24 -4.26
N GLU A 224 22.40 -3.26 -4.23
CA GLU A 224 21.65 -4.49 -4.02
CA GLU A 224 21.69 -4.49 -3.87
C GLU A 224 20.27 -4.27 -3.45
C GLU A 224 20.33 -4.18 -3.25
N ILE A 225 19.72 -3.09 -3.66
CA ILE A 225 18.38 -2.75 -3.20
C ILE A 225 17.32 -3.11 -4.25
N ASN A 226 17.53 -2.69 -5.50
CA ASN A 226 16.74 -3.12 -6.66
C ASN A 226 15.23 -2.86 -6.53
N TRP A 227 14.93 -1.61 -6.16
CA TRP A 227 13.55 -1.09 -6.20
C TRP A 227 13.20 -0.55 -7.56
N HIS A 228 14.17 0.08 -8.23
CA HIS A 228 13.92 0.76 -9.50
C HIS A 228 13.32 -0.04 -10.66
N PRO A 229 13.51 -1.39 -10.71
CA PRO A 229 12.83 -2.12 -11.80
C PRO A 229 11.32 -2.16 -11.63
N PHE A 230 10.85 -1.86 -10.44
CA PHE A 230 9.43 -2.00 -10.11
C PHE A 230 8.73 -0.70 -9.76
N ASP A 231 9.44 0.27 -9.21
CA ASP A 231 8.88 1.58 -8.91
C ASP A 231 9.79 2.64 -9.55
N PRO A 232 9.30 3.32 -10.61
CA PRO A 232 10.19 4.21 -11.37
C PRO A 232 10.59 5.50 -10.64
N ARG A 233 10.02 5.75 -9.46
CA ARG A 233 10.47 6.85 -8.62
C ARG A 233 11.98 6.74 -8.30
N PHE A 234 12.48 5.51 -8.26
CA PHE A 234 13.86 5.21 -7.92
C PHE A 234 14.76 5.01 -9.15
N ASP A 235 14.21 5.25 -10.35
CA ASP A 235 14.91 5.11 -11.62
C ASP A 235 15.42 6.46 -12.06
N MET A 236 16.72 6.65 -11.93
CA MET A 236 17.37 7.92 -12.27
CA MET A 236 17.36 7.93 -12.25
C MET A 236 17.30 8.28 -13.75
N ALA A 237 17.00 7.32 -14.63
CA ALA A 237 16.75 7.63 -16.06
C ALA A 237 15.43 8.35 -16.26
N LYS A 238 14.51 8.25 -15.29
CA LYS A 238 13.15 8.79 -15.41
C LYS A 238 12.89 9.92 -14.42
N ASN A 239 13.47 9.82 -13.24
CA ASN A 239 13.22 10.79 -12.17
C ASN A 239 14.51 11.17 -11.43
N PRO A 240 15.48 11.73 -12.14
CA PRO A 240 16.77 12.02 -11.49
C PRO A 240 16.68 12.98 -10.29
N ASN A 241 15.74 13.92 -10.33
CA ASN A 241 15.62 14.85 -9.22
C ASN A 241 15.10 14.23 -7.94
N GLU A 242 14.54 13.02 -8.02
CA GLU A 242 14.14 12.33 -6.79
C GLU A 242 15.33 12.16 -5.84
N LEU A 243 16.52 11.99 -6.43
CA LEU A 243 17.72 11.83 -5.62
C LEU A 243 17.94 13.03 -4.68
N ASN A 244 17.48 14.21 -5.09
CA ASN A 244 17.69 15.43 -4.32
C ASN A 244 16.69 15.62 -3.21
N ARG A 245 15.63 14.80 -3.21
CA ARG A 245 14.53 14.95 -2.26
C ARG A 245 14.67 14.05 -1.03
N HIS A 246 15.86 13.44 -0.94
CA HIS A 246 16.23 12.56 0.18
C HIS A 246 17.66 12.90 0.57
N GLY A 247 18.08 12.49 1.78
CA GLY A 247 19.34 12.89 2.38
C GLY A 247 19.22 14.10 3.28
N TRP A 248 18.06 14.25 3.91
CA TRP A 248 17.73 15.37 4.77
C TRP A 248 17.43 14.93 6.19
N VAL A 249 17.46 15.89 7.10
CA VAL A 249 16.95 15.75 8.46
C VAL A 249 15.45 16.04 8.37
N VAL A 250 14.63 15.18 8.98
CA VAL A 250 13.18 15.26 8.91
C VAL A 250 12.63 15.45 10.33
N GLU A 251 11.76 16.45 10.51
CA GLU A 251 11.21 16.77 11.82
C GLU A 251 9.79 16.21 11.92
N ILE A 252 9.53 15.52 13.04
CA ILE A 252 8.28 14.81 13.31
C ILE A 252 7.78 15.24 14.69
N ASP A 253 6.47 15.47 14.78
CA ASP A 253 5.81 15.76 16.06
C ASP A 253 5.14 14.49 16.59
N PRO A 254 5.80 13.80 17.55
CA PRO A 254 5.19 12.54 18.03
C PRO A 254 3.86 12.67 18.74
N PHE A 255 3.52 13.87 19.23
CA PHE A 255 2.30 14.06 20.02
C PHE A 255 1.13 14.42 19.11
N ASP A 256 1.36 14.52 17.81
CA ASP A 256 0.30 14.81 16.84
C ASP A 256 0.28 13.75 15.73
N PRO A 257 -0.51 12.70 15.90
CA PRO A 257 -0.44 11.59 14.94
C PRO A 257 -0.97 11.92 13.54
N GLN A 258 -1.60 13.08 13.37
CA GLN A 258 -2.08 13.50 12.05
C GLN A 258 -1.15 14.51 11.37
N SER A 259 -0.10 14.91 12.08
CA SER A 259 0.84 15.92 11.57
C SER A 259 1.64 15.39 10.38
N THR A 260 2.05 16.30 9.51
CA THR A 260 2.85 15.94 8.35
C THR A 260 4.32 16.24 8.65
N PRO A 261 5.20 15.22 8.60
CA PRO A 261 6.64 15.47 8.84
C PRO A 261 7.24 16.35 7.76
N VAL A 262 8.30 17.06 8.14
CA VAL A 262 8.89 18.09 7.31
C VAL A 262 10.41 17.90 7.14
N LYS A 263 10.85 17.83 5.89
CA LYS A 263 12.27 17.77 5.57
C LYS A 263 12.87 19.17 5.69
N ARG A 264 13.87 19.31 6.55
CA ARG A 264 14.41 20.63 6.92
C ARG A 264 15.66 20.92 6.09
N THR A 265 15.46 21.50 4.91
CA THR A 265 16.57 21.69 4.01
C THR A 265 17.65 22.68 4.47
N ALA A 266 17.37 23.51 5.46
CA ALA A 266 18.38 24.41 6.01
C ALA A 266 19.55 23.66 6.63
N LEU A 267 19.33 22.39 7.01
CA LEU A 267 20.38 21.60 7.66
C LEU A 267 21.26 20.84 6.67
N GLY A 268 21.01 20.99 5.37
CA GLY A 268 21.89 20.46 4.34
C GLY A 268 21.57 19.02 3.96
N ARG A 269 21.99 18.63 2.76
CA ARG A 269 21.79 17.28 2.22
C ARG A 269 23.10 16.51 2.20
N PHE A 270 23.08 15.35 2.86
CA PHE A 270 24.24 14.47 2.95
C PHE A 270 23.77 13.16 3.62
N LYS A 271 24.67 12.24 3.93
CA LYS A 271 24.26 10.95 4.51
C LYS A 271 24.27 11.10 6.03
N HIS A 272 23.21 11.74 6.52
CA HIS A 272 23.11 12.12 7.90
C HIS A 272 23.03 10.93 8.84
N GLU A 273 23.86 10.92 9.86
CA GLU A 273 23.82 9.91 10.90
C GLU A 273 22.84 10.33 12.02
N ASN A 274 23.20 11.30 12.86
CA ASN A 274 22.30 11.84 13.87
C ASN A 274 22.34 13.35 13.92
N ALA A 275 21.64 13.92 14.88
CA ALA A 275 21.50 15.37 15.00
C ALA A 275 21.56 15.69 16.48
N ALA A 276 22.64 16.31 16.92
CA ALA A 276 22.85 16.57 18.32
C ALA A 276 22.50 18.01 18.61
N LEU A 277 21.57 18.23 19.54
CA LEU A 277 21.12 19.57 19.91
C LEU A 277 21.95 20.22 21.00
N ALA A 278 22.19 21.52 20.83
CA ALA A 278 22.72 22.38 21.86
C ALA A 278 22.13 23.78 21.69
N GLU A 279 22.61 24.74 22.46
CA GLU A 279 22.07 26.11 22.42
C GLU A 279 23.25 27.06 22.64
N THR A 280 23.30 28.14 21.85
CA THR A 280 24.30 29.17 22.05
C THR A 280 24.03 29.96 23.34
N ASP A 281 25.03 30.71 23.80
CA ASP A 281 24.83 31.56 24.98
C ASP A 281 23.75 32.63 24.74
N ASP A 282 23.59 33.09 23.50
CA ASP A 282 22.49 34.02 23.19
C ASP A 282 21.17 33.36 22.76
N GLY A 283 21.06 32.05 22.98
CA GLY A 283 19.79 31.36 22.98
C GLY A 283 19.34 30.73 21.67
N ARG A 284 20.23 30.62 20.69
CA ARG A 284 19.92 30.04 19.38
C ARG A 284 20.14 28.53 19.39
N ALA A 285 19.34 27.79 18.60
CA ALA A 285 19.53 26.34 18.46
C ALA A 285 20.79 26.01 17.70
N VAL A 286 21.46 24.96 18.14
CA VAL A 286 22.63 24.41 17.46
C VAL A 286 22.39 22.91 17.21
N VAL A 287 22.71 22.46 16.00
CA VAL A 287 22.60 21.06 15.63
C VAL A 287 23.90 20.60 15.00
N TYR A 288 24.61 19.71 15.70
CA TYR A 288 25.83 19.10 15.17
C TYR A 288 25.45 17.83 14.41
N MET A 289 26.06 17.62 13.25
CA MET A 289 25.67 16.55 12.35
C MET A 289 26.88 15.90 11.65
N GLY A 290 26.95 14.58 11.65
CA GLY A 290 27.96 13.81 10.90
C GLY A 290 27.41 13.36 9.56
N ASP A 291 28.28 13.29 8.56
CA ASP A 291 28.03 12.69 7.26
C ASP A 291 28.81 11.39 7.20
N ASP A 292 28.13 10.25 7.33
CA ASP A 292 28.85 8.98 7.43
C ASP A 292 29.20 8.43 6.09
N GLU A 293 30.40 8.77 5.65
CA GLU A 293 31.05 8.10 4.53
C GLU A 293 32.54 8.31 4.71
N ARG A 294 33.36 7.35 4.25
CA ARG A 294 34.81 7.54 4.34
C ARG A 294 35.25 8.84 3.70
N GLY A 295 35.95 9.65 4.46
CA GLY A 295 36.48 10.93 3.98
C GLY A 295 35.49 12.06 3.85
N GLU A 296 34.35 11.96 4.51
CA GLU A 296 33.38 13.05 4.50
C GLU A 296 33.44 13.85 5.80
N PHE A 297 32.49 14.76 6.02
CA PHE A 297 32.69 15.86 6.95
C PHE A 297 31.75 15.88 8.15
N ILE A 298 32.04 16.78 9.08
CA ILE A 298 31.21 17.09 10.23
C ILE A 298 30.67 18.52 10.09
N TYR A 299 29.36 18.69 10.29
CA TYR A 299 28.62 19.92 10.06
C TYR A 299 27.99 20.44 11.35
N LYS A 300 27.59 21.71 11.31
CA LYS A 300 26.98 22.39 12.44
C LYS A 300 25.98 23.41 11.87
N PHE A 301 24.72 23.34 12.30
CA PHE A 301 23.70 24.32 11.97
C PHE A 301 23.42 25.18 13.17
N VAL A 302 23.30 26.50 12.97
CA VAL A 302 22.91 27.39 14.05
C VAL A 302 21.69 28.18 13.58
N SER A 303 20.61 28.16 14.36
CA SER A 303 19.39 28.85 13.96
C SER A 303 19.56 30.38 13.99
N ARG A 304 18.73 31.06 13.18
CA ARG A 304 18.68 32.52 13.17
C ARG A 304 18.04 33.02 14.48
N ASP A 305 16.95 32.39 14.86
CA ASP A 305 16.14 32.88 15.96
C ASP A 305 16.41 32.14 17.26
N LYS A 306 16.04 32.76 18.37
CA LYS A 306 16.21 32.14 19.69
C LYS A 306 15.14 31.08 19.94
N ILE A 307 15.52 30.05 20.68
CA ILE A 307 14.60 29.04 21.16
C ILE A 307 13.67 29.66 22.19
N ASN A 308 12.37 29.45 22.02
CA ASN A 308 11.39 29.81 23.03
C ASN A 308 11.06 28.55 23.83
N HIS A 309 11.60 28.44 25.03
CA HIS A 309 11.48 27.21 25.81
C HIS A 309 10.13 27.07 26.44
N ARG A 310 9.39 28.15 26.59
CA ARG A 310 8.11 28.09 27.31
C ARG A 310 6.91 28.09 26.37
N ASN A 311 7.15 28.29 25.07
CA ASN A 311 6.09 28.26 24.07
C ASN A 311 6.58 27.35 22.94
N ALA A 312 6.33 26.05 23.06
CA ALA A 312 6.90 25.08 22.11
C ALA A 312 6.54 25.41 20.67
N LYS A 313 5.27 25.74 20.43
CA LYS A 313 4.78 25.96 19.06
C LYS A 313 5.40 27.18 18.38
N ALA A 314 5.91 28.14 19.18
CA ALA A 314 6.57 29.30 18.63
C ALA A 314 7.84 28.94 17.85
N ASN A 315 8.34 27.72 18.09
CA ASN A 315 9.52 27.23 17.41
C ASN A 315 9.24 26.43 16.14
N ARG A 316 8.00 26.44 15.67
CA ARG A 316 7.56 25.52 14.63
C ARG A 316 8.57 25.44 13.51
N ASP A 317 9.02 26.59 13.02
CA ASP A 317 9.93 26.58 11.88
C ASP A 317 11.31 27.20 12.17
N ILE A 318 11.75 27.00 13.41
CA ILE A 318 13.05 27.52 13.84
C ILE A 318 14.17 26.89 12.97
N LEU A 319 13.99 25.64 12.56
CA LEU A 319 15.00 24.95 11.74
C LEU A 319 14.97 25.29 10.26
N ASP A 320 14.14 26.27 9.85
CA ASP A 320 14.16 26.74 8.48
C ASP A 320 15.09 27.92 8.19
N HIS A 321 15.59 28.58 9.25
CA HIS A 321 16.39 29.81 9.08
C HIS A 321 17.59 29.68 9.96
N GLY A 322 18.74 29.95 9.37
CA GLY A 322 20.00 29.87 10.11
C GLY A 322 21.20 29.79 9.19
N THR A 323 22.26 29.19 9.72
CA THR A 323 23.55 29.15 9.06
C THR A 323 24.12 27.75 9.16
N LEU A 324 24.66 27.24 8.06
CA LEU A 324 25.30 25.92 8.04
C LEU A 324 26.82 26.06 7.94
N TYR A 325 27.53 25.34 8.81
CA TYR A 325 29.00 25.33 8.87
C TYR A 325 29.51 23.93 8.71
N VAL A 326 30.79 23.81 8.33
CA VAL A 326 31.49 22.53 8.28
C VAL A 326 32.83 22.67 9.00
N ALA A 327 33.34 21.58 9.55
CA ALA A 327 34.53 21.59 10.40
C ALA A 327 35.84 21.40 9.61
N ARG A 328 36.84 22.16 10.03
CA ARG A 328 38.23 21.86 9.70
C ARG A 328 38.96 21.64 11.02
N PHE A 329 39.76 20.57 11.08
CA PHE A 329 40.58 20.25 12.23
C PHE A 329 42.04 20.41 11.82
N ASP A 330 42.83 20.97 12.71
CA ASP A 330 44.27 21.06 12.47
C ASP A 330 44.94 19.71 12.64
N ALA A 331 46.24 19.66 12.44
CA ALA A 331 46.99 18.41 12.51
C ALA A 331 47.25 17.93 13.93
N GLY A 332 46.96 18.76 14.93
CA GLY A 332 47.21 18.42 16.33
C GLY A 332 48.68 18.37 16.68
N ASP A 333 48.97 17.85 17.87
CA ASP A 333 50.33 17.83 18.42
C ASP A 333 51.08 16.55 18.11
N GLY A 334 50.44 15.60 17.44
CA GLY A 334 51.09 14.36 17.04
C GLY A 334 51.26 13.33 18.16
N ASN A 335 50.68 13.57 19.35
CA ASN A 335 50.85 12.61 20.46
C ASN A 335 50.22 11.29 20.04
N PRO A 336 50.96 10.16 20.13
CA PRO A 336 50.42 8.90 19.66
C PRO A 336 49.29 8.36 20.50
N ASP A 337 49.24 8.74 21.79
CA ASP A 337 48.21 8.21 22.70
CA ASP A 337 48.18 8.21 22.68
C ASP A 337 46.97 9.13 22.72
N HIS A 338 47.20 10.43 22.90
CA HIS A 338 46.14 11.38 23.13
C HIS A 338 46.39 12.65 22.34
N PRO A 339 46.26 12.56 21.00
CA PRO A 339 46.45 13.75 20.16
C PRO A 339 45.40 14.81 20.47
N LYS A 340 45.85 16.07 20.44
N LYS A 340 45.80 16.06 20.31
CA LYS A 340 45.01 17.23 20.70
CA LYS A 340 44.89 17.17 20.54
C LYS A 340 45.33 18.34 19.69
C LYS A 340 45.33 18.43 19.82
N GLY A 341 44.36 19.23 19.43
CA GLY A 341 44.59 20.45 18.67
C GLY A 341 43.42 21.40 18.72
N GLN A 342 43.34 22.23 17.68
CA GLN A 342 42.27 23.19 17.51
C GLN A 342 41.60 22.91 16.18
N GLY A 343 40.36 23.38 16.08
CA GLY A 343 39.64 23.35 14.83
C GLY A 343 38.71 24.54 14.72
N GLN A 344 37.97 24.59 13.63
CA GLN A 344 37.13 25.73 13.31
C GLN A 344 35.93 25.29 12.47
N TRP A 345 34.89 26.11 12.55
CA TRP A 345 33.68 26.01 11.74
C TRP A 345 33.77 27.02 10.63
N ILE A 346 33.50 26.57 9.41
CA ILE A 346 33.57 27.39 8.20
C ILE A 346 32.20 27.45 7.57
N GLU A 347 31.73 28.65 7.27
CA GLU A 347 30.37 28.86 6.79
C GLU A 347 30.13 28.42 5.35
N LEU A 348 29.06 27.66 5.15
CA LEU A 348 28.61 27.26 3.83
C LEU A 348 27.46 28.14 3.37
N THR A 349 27.83 29.33 2.90
CA THR A 349 26.89 30.30 2.38
C THR A 349 27.37 30.81 1.02
N HIS A 350 26.48 30.84 0.05
CA HIS A 350 26.74 31.41 -1.25
C HIS A 350 27.22 32.84 -1.11
N GLY A 351 28.37 33.10 -1.72
CA GLY A 351 29.01 34.42 -1.67
C GLY A 351 30.07 34.57 -0.59
N LYS A 352 30.37 33.48 0.11
CA LYS A 352 31.41 33.46 1.15
C LYS A 352 32.34 32.27 0.92
N ASN A 353 33.59 32.39 1.38
CA ASN A 353 34.55 31.28 1.39
C ASN A 353 34.70 30.59 0.04
N GLY A 354 34.59 31.37 -1.04
CA GLY A 354 34.82 30.84 -2.37
C GLY A 354 33.67 30.08 -3.00
N ILE A 355 32.51 30.09 -2.34
CA ILE A 355 31.31 29.40 -2.84
C ILE A 355 30.53 30.43 -3.65
N ASP A 356 30.58 30.30 -4.95
CA ASP A 356 29.95 31.31 -5.80
C ASP A 356 29.86 30.71 -7.18
N ALA A 357 29.41 31.48 -8.16
CA ALA A 357 29.29 30.96 -9.51
C ALA A 357 30.61 30.37 -10.04
N SER A 358 31.75 30.95 -9.64
CA SER A 358 33.05 30.48 -10.15
C SER A 358 33.48 29.12 -9.60
N SER A 359 32.79 28.63 -8.57
CA SER A 359 33.01 27.26 -8.09
C SER A 359 31.77 26.38 -8.26
N GLY A 360 30.80 26.88 -9.02
CA GLY A 360 29.68 26.05 -9.47
C GLY A 360 28.36 26.19 -8.74
N PHE A 361 28.21 27.25 -7.95
CA PHE A 361 27.00 27.42 -7.14
C PHE A 361 26.25 28.70 -7.52
N ALA A 362 25.02 28.52 -7.98
CA ALA A 362 24.19 29.64 -8.48
C ALA A 362 23.46 30.36 -7.35
N ASP A 363 23.11 29.62 -6.31
CA ASP A 363 22.30 30.13 -5.23
C ASP A 363 22.47 29.26 -3.99
N GLN A 364 21.87 29.69 -2.88
CA GLN A 364 22.02 28.96 -1.61
C GLN A 364 21.33 27.60 -1.61
N ALA A 365 20.25 27.46 -2.34
CA ALA A 365 19.59 26.15 -2.42
C ALA A 365 20.56 25.11 -2.94
N GLU A 366 21.34 25.46 -3.97
CA GLU A 366 22.29 24.51 -4.53
C GLU A 366 23.38 24.19 -3.53
N VAL A 367 23.78 25.17 -2.73
CA VAL A 367 24.77 24.94 -1.69
C VAL A 367 24.26 23.88 -0.70
N LEU A 368 23.00 23.96 -0.34
CA LEU A 368 22.44 23.00 0.62
C LEU A 368 22.21 21.62 0.00
N ILE A 369 21.65 21.61 -1.21
CA ILE A 369 21.39 20.34 -1.89
C ILE A 369 22.69 19.58 -2.16
N HIS A 370 23.75 20.34 -2.46
CA HIS A 370 25.08 19.81 -2.76
C HIS A 370 26.07 20.20 -1.69
N ALA A 371 25.69 20.08 -0.43
CA ALA A 371 26.52 20.47 0.71
C ALA A 371 27.90 19.84 0.70
N ARG A 372 28.00 18.59 0.24
CA ARG A 372 29.29 17.96 0.17
C ARG A 372 30.27 18.71 -0.72
N LEU A 373 29.80 19.11 -1.88
CA LEU A 373 30.64 19.84 -2.82
CA LEU A 373 30.63 19.83 -2.82
C LEU A 373 31.02 21.22 -2.28
N ALA A 374 30.10 21.91 -1.63
CA ALA A 374 30.39 23.23 -1.05
C ALA A 374 31.43 23.11 0.05
N ALA A 375 31.32 22.05 0.83
CA ALA A 375 32.23 21.82 1.94
C ALA A 375 33.65 21.54 1.43
N SER A 376 33.76 20.82 0.31
CA SER A 376 35.06 20.64 -0.33
C SER A 376 35.65 21.97 -0.76
N VAL A 377 34.82 22.86 -1.32
CA VAL A 377 35.33 24.16 -1.79
C VAL A 377 36.00 24.91 -0.66
N VAL A 378 35.40 24.86 0.53
CA VAL A 378 35.90 25.61 1.66
C VAL A 378 37.02 24.95 2.45
N GLY A 379 37.35 23.72 2.08
CA GLY A 379 38.47 23.02 2.68
C GLY A 379 38.18 22.34 4.02
N ALA A 380 36.98 21.77 4.14
CA ALA A 380 36.66 20.92 5.29
C ALA A 380 37.62 19.74 5.36
N THR A 381 37.84 19.25 6.57
CA THR A 381 38.75 18.11 6.80
C THR A 381 38.01 16.79 6.55
N ARG A 382 38.57 15.96 5.68
CA ARG A 382 38.02 14.62 5.40
C ARG A 382 38.18 13.75 6.65
N MET A 383 37.09 13.08 7.07
CA MET A 383 37.08 12.37 8.35
C MET A 383 36.85 10.87 8.20
N ASP A 384 37.27 10.13 9.23
CA ASP A 384 37.07 8.68 9.29
C ASP A 384 35.65 8.30 9.71
N ARG A 385 34.67 8.56 8.82
CA ARG A 385 33.28 8.10 9.00
C ARG A 385 32.64 8.60 10.26
N PRO A 386 32.36 9.92 10.34
CA PRO A 386 31.58 10.42 11.47
C PRO A 386 30.22 9.71 11.58
N GLU A 387 29.95 9.15 12.74
CA GLU A 387 28.62 8.59 13.00
C GLU A 387 27.97 9.46 14.09
N TRP A 388 27.62 8.94 15.26
CA TRP A 388 26.84 9.74 16.18
C TRP A 388 27.63 10.81 16.88
N ILE A 389 26.93 11.91 17.17
CA ILE A 389 27.45 13.00 17.98
C ILE A 389 26.55 13.22 19.19
N VAL A 390 27.13 13.48 20.36
CA VAL A 390 26.39 13.83 21.58
C VAL A 390 27.05 15.00 22.30
N VAL A 391 26.23 15.74 23.03
CA VAL A 391 26.66 16.89 23.81
C VAL A 391 26.50 16.58 25.29
N SER A 392 27.57 16.68 26.07
CA SER A 392 27.46 16.42 27.50
C SER A 392 26.45 17.35 28.15
N PRO A 393 25.50 16.79 28.93
CA PRO A 393 24.57 17.64 29.67
C PRO A 393 25.23 18.28 30.91
N LYS A 394 26.45 17.85 31.25
CA LYS A 394 27.18 18.35 32.42
C LYS A 394 28.13 19.49 32.10
N ASP A 395 28.86 19.40 30.99
CA ASP A 395 29.78 20.47 30.64
C ASP A 395 29.78 20.92 29.19
N GLY A 396 28.86 20.41 28.38
CA GLY A 396 28.71 20.87 27.02
C GLY A 396 29.74 20.40 26.00
N GLN A 397 30.71 19.60 26.41
N GLN A 397 30.70 19.58 26.41
CA GLN A 397 31.67 19.08 25.45
CA GLN A 397 31.68 19.05 25.47
C GLN A 397 30.96 18.16 24.49
C GLN A 397 31.02 18.04 24.52
N VAL A 398 31.51 18.04 23.29
CA VAL A 398 30.87 17.32 22.19
C VAL A 398 31.73 16.12 21.82
N TYR A 399 31.07 14.97 21.62
CA TYR A 399 31.71 13.69 21.37
C TYR A 399 31.17 13.15 20.05
N CYS A 400 32.05 12.61 19.21
CA CYS A 400 31.69 12.09 17.89
C CYS A 400 32.43 10.83 17.59
N THR A 401 31.73 9.74 17.26
CA THR A 401 32.42 8.54 16.83
C THR A 401 32.96 8.73 15.38
N LEU A 402 34.16 8.22 15.16
CA LEU A 402 34.76 8.11 13.85
C LEU A 402 34.97 6.61 13.69
N THR A 403 34.04 5.94 13.03
CA THR A 403 33.86 4.50 13.27
C THR A 403 35.00 3.64 12.76
N ASN A 404 35.53 3.99 11.60
CA ASN A 404 36.66 3.34 10.95
C ASN A 404 36.88 4.04 9.61
N ASN A 405 38.00 3.71 8.95
CA ASN A 405 38.26 4.17 7.59
C ASN A 405 39.39 3.36 6.97
N ALA A 406 38.99 2.31 6.27
CA ALA A 406 39.95 1.40 5.65
C ALA A 406 40.77 2.06 4.55
N LYS A 407 40.32 3.21 4.04
CA LYS A 407 41.02 3.92 2.98
CA LYS A 407 41.02 3.92 2.95
C LYS A 407 41.84 5.10 3.47
N ARG A 408 41.89 5.34 4.78
CA ARG A 408 42.80 6.38 5.32
C ARG A 408 44.23 6.06 4.88
N GLY A 409 44.93 7.07 4.36
CA GLY A 409 46.26 6.90 3.80
C GLY A 409 46.31 6.89 2.29
N GLU A 410 45.17 6.61 1.64
CA GLU A 410 45.14 6.67 0.19
CA GLU A 410 45.05 6.69 0.18
C GLU A 410 45.20 8.14 -0.26
N ASP A 411 45.51 8.34 -1.54
CA ASP A 411 45.58 9.68 -2.11
C ASP A 411 44.31 10.48 -1.78
N GLY A 412 44.50 11.64 -1.15
CA GLY A 412 43.40 12.52 -0.79
C GLY A 412 42.93 12.36 0.65
N GLN A 413 43.38 11.30 1.33
CA GLN A 413 43.01 11.06 2.73
C GLN A 413 44.24 10.85 3.58
N PRO A 414 45.04 11.92 3.74
CA PRO A 414 46.28 11.75 4.46
C PRO A 414 46.07 11.48 5.95
N VAL A 415 46.99 10.75 6.55
CA VAL A 415 47.00 10.54 7.98
C VAL A 415 47.38 11.83 8.72
N GLY A 416 46.66 12.13 9.80
CA GLY A 416 47.00 13.28 10.62
C GLY A 416 45.88 13.66 11.55
N GLY A 417 46.21 14.41 12.59
CA GLY A 417 45.21 14.98 13.47
C GLY A 417 44.26 13.97 14.07
N PRO A 418 42.93 14.18 13.92
CA PRO A 418 41.96 13.25 14.55
C PRO A 418 41.75 11.96 13.77
N ASN A 419 42.50 11.76 12.69
CA ASN A 419 42.48 10.54 11.87
C ASN A 419 43.92 10.00 11.77
N PRO A 420 44.42 9.42 12.89
CA PRO A 420 45.88 9.21 12.97
C PRO A 420 46.44 7.92 12.40
N ARG A 421 45.62 7.03 11.84
CA ARG A 421 46.11 5.72 11.36
C ARG A 421 45.67 5.39 9.96
N GLU A 422 46.59 4.97 9.13
CA GLU A 422 46.25 4.42 7.83
C GLU A 422 45.44 3.14 8.03
N LYS A 423 44.63 2.80 7.04
CA LYS A 423 43.92 1.50 7.00
C LYS A 423 43.26 1.23 8.38
N ASN A 424 42.43 2.18 8.81
CA ASN A 424 41.88 2.19 10.16
C ASN A 424 40.69 1.26 10.26
N VAL A 425 40.88 0.12 10.93
CA VAL A 425 39.79 -0.85 11.07
C VAL A 425 39.09 -0.78 12.43
N TYR A 426 39.60 0.04 13.34
CA TYR A 426 39.07 0.08 14.71
C TYR A 426 38.25 1.32 15.08
N GLY A 427 38.64 2.50 14.61
CA GLY A 427 37.91 3.71 14.94
C GLY A 427 38.44 4.42 16.17
N GLN A 428 37.78 5.53 16.49
CA GLN A 428 38.19 6.39 17.58
C GLN A 428 37.02 7.28 17.95
N ILE A 429 37.09 7.89 19.13
CA ILE A 429 36.08 8.87 19.53
C ILE A 429 36.74 10.22 19.70
N LEU A 430 36.21 11.18 18.94
CA LEU A 430 36.66 12.56 18.92
C LEU A 430 35.82 13.39 19.88
N ARG A 431 36.47 14.28 20.60
CA ARG A 431 35.83 15.24 21.51
C ARG A 431 36.24 16.65 21.14
N TRP A 432 35.33 17.59 21.26
CA TRP A 432 35.72 19.00 21.21
C TRP A 432 35.03 19.81 22.22
N ARG A 433 35.68 20.90 22.58
CA ARG A 433 35.20 21.86 23.57
C ARG A 433 35.12 23.22 22.89
N THR A 434 33.91 23.71 22.71
CA THR A 434 33.67 24.97 22.01
C THR A 434 34.30 26.11 22.83
N ASP A 435 34.91 27.07 22.15
CA ASP A 435 35.59 28.15 22.88
C ASP A 435 34.65 28.90 23.80
N ARG A 436 35.14 29.19 25.01
CA ARG A 436 34.38 29.91 26.02
CA ARG A 436 34.40 29.89 26.05
C ARG A 436 33.14 29.13 26.48
N ASP A 437 33.09 27.84 26.12
CA ASP A 437 31.91 27.01 26.35
C ASP A 437 30.62 27.61 25.75
N ASP A 438 30.78 28.43 24.71
CA ASP A 438 29.64 28.99 23.96
C ASP A 438 29.58 28.24 22.65
N HIS A 439 28.46 27.55 22.40
CA HIS A 439 28.27 26.85 21.13
C HIS A 439 28.12 27.76 19.94
N ALA A 440 28.02 29.09 20.14
CA ALA A 440 28.13 30.02 19.01
C ALA A 440 29.56 30.18 18.50
N SER A 441 30.56 29.75 19.28
CA SER A 441 31.95 29.97 18.88
C SER A 441 32.28 29.26 17.58
N LYS A 442 33.12 29.89 16.76
CA LYS A 442 33.57 29.32 15.50
C LYS A 442 34.88 28.53 15.62
N THR A 443 35.45 28.46 16.84
CA THR A 443 36.64 27.65 17.09
C THR A 443 36.44 26.77 18.31
N PHE A 444 37.24 25.72 18.34
CA PHE A 444 37.18 24.73 19.41
C PHE A 444 38.52 24.06 19.62
N ALA A 445 38.70 23.49 20.80
CA ALA A 445 39.80 22.56 21.10
C ALA A 445 39.30 21.14 20.93
N TRP A 446 40.06 20.26 20.26
CA TRP A 446 39.69 18.87 20.09
C TRP A 446 40.73 17.94 20.68
N ASP A 447 40.31 16.72 21.01
CA ASP A 447 41.21 15.64 21.40
C ASP A 447 40.57 14.31 21.07
N LEU A 448 41.37 13.26 20.91
CA LEU A 448 40.78 11.95 20.78
C LEU A 448 40.58 11.34 22.17
N PHE A 449 39.33 11.28 22.59
CA PHE A 449 38.92 10.69 23.87
C PHE A 449 39.32 9.22 24.01
N VAL A 450 39.20 8.46 22.92
CA VAL A 450 39.74 7.10 22.87
C VAL A 450 40.12 6.79 21.43
N VAL A 451 41.16 5.97 21.27
CA VAL A 451 41.52 5.41 20.01
C VAL A 451 41.34 3.89 20.18
N ALA A 452 40.34 3.32 19.52
CA ALA A 452 40.08 1.89 19.66
C ALA A 452 41.23 1.08 19.04
N GLY A 453 41.45 -0.13 19.56
CA GLY A 453 42.51 -1.00 19.09
C GLY A 453 42.43 -2.34 19.80
N ASN A 454 43.38 -3.22 19.49
CA ASN A 454 43.42 -4.55 20.05
C ASN A 454 44.79 -4.81 20.67
N PRO A 455 44.90 -4.51 21.98
CA PRO A 455 46.19 -4.71 22.61
C PRO A 455 46.52 -6.18 22.88
N SER A 456 45.62 -7.12 22.58
CA SER A 456 45.96 -8.54 22.70
CA SER A 456 45.96 -8.54 22.71
C SER A 456 46.68 -9.05 21.45
N VAL A 457 46.56 -8.31 20.35
CA VAL A 457 47.09 -8.68 19.04
C VAL A 457 48.21 -7.72 18.61
N HIS A 458 48.09 -6.43 18.99
CA HIS A 458 48.95 -5.35 18.49
C HIS A 458 49.51 -4.47 19.58
N ALA A 459 49.81 -5.05 20.75
CA ALA A 459 50.39 -4.28 21.86
C ALA A 459 51.63 -3.51 21.43
N GLY A 460 51.74 -2.27 21.88
CA GLY A 460 52.93 -1.45 21.64
C GLY A 460 52.97 -0.81 20.26
N THR A 461 51.85 -0.85 19.52
CA THR A 461 51.76 -0.28 18.17
C THR A 461 50.49 0.56 18.10
N PRO A 462 50.34 1.42 17.06
CA PRO A 462 49.11 2.21 16.92
C PRO A 462 47.81 1.36 16.90
N LYS A 463 47.89 0.16 16.34
CA LYS A 463 46.76 -0.77 16.30
CA LYS A 463 46.72 -0.70 16.30
C LYS A 463 46.34 -1.32 17.67
N GLY A 464 47.17 -1.13 18.68
CA GLY A 464 46.85 -1.51 20.05
C GLY A 464 45.92 -0.56 20.77
N GLY A 465 45.69 0.61 20.19
CA GLY A 465 44.79 1.61 20.75
C GLY A 465 45.45 2.49 21.78
N SER A 466 44.65 3.41 22.31
CA SER A 466 45.09 4.32 23.35
C SER A 466 45.13 3.63 24.71
N SER A 467 45.72 4.25 25.71
CA SER A 467 46.03 3.52 26.94
C SER A 467 44.81 3.33 27.86
N ASN A 468 43.68 3.98 27.54
CA ASN A 468 42.41 3.64 28.18
C ASN A 468 41.73 2.39 27.60
N ILE A 469 42.35 1.78 26.57
CA ILE A 469 41.93 0.49 26.01
C ILE A 469 42.82 -0.62 26.56
N THR A 470 42.20 -1.70 27.01
CA THR A 470 42.91 -2.85 27.56
C THR A 470 42.33 -4.09 26.90
N PRO A 471 43.00 -5.23 27.01
CA PRO A 471 42.40 -6.47 26.50
C PRO A 471 41.04 -6.79 27.12
N GLN A 472 40.71 -6.25 28.29
N GLN A 472 40.73 -6.24 28.29
CA GLN A 472 39.43 -6.56 28.96
CA GLN A 472 39.48 -6.51 29.02
C GLN A 472 38.26 -5.61 28.64
C GLN A 472 38.31 -5.51 28.83
N ASN A 473 38.53 -4.47 28.03
CA ASN A 473 37.43 -3.59 27.59
C ASN A 473 37.41 -3.31 26.10
N MET A 474 38.29 -3.95 25.34
CA MET A 474 38.45 -3.57 23.95
C MET A 474 37.23 -3.85 23.05
N PHE A 475 37.07 -3.01 22.04
CA PHE A 475 35.94 -3.03 21.13
C PHE A 475 36.39 -2.46 19.77
N ASN A 476 35.54 -2.54 18.74
CA ASN A 476 35.86 -1.88 17.48
C ASN A 476 34.63 -1.23 16.89
N SER A 477 34.87 -0.18 16.10
CA SER A 477 33.82 0.50 15.36
C SER A 477 32.74 1.07 16.26
N PRO A 478 33.10 1.93 17.20
CA PRO A 478 32.08 2.65 17.95
C PRO A 478 31.22 3.45 16.96
N ASP A 479 29.93 3.54 17.23
CA ASP A 479 28.95 4.08 16.28
C ASP A 479 28.00 4.94 17.10
N GLY A 480 27.05 4.32 17.78
CA GLY A 480 26.16 5.05 18.63
C GLY A 480 26.75 5.59 19.90
N LEU A 481 26.18 6.69 20.39
CA LEU A 481 26.56 7.31 21.65
C LEU A 481 25.32 7.84 22.36
N GLY A 482 25.35 7.86 23.69
CA GLY A 482 24.33 8.57 24.45
C GLY A 482 24.83 8.96 25.81
N PHE A 483 24.43 10.14 26.28
CA PHE A 483 24.60 10.53 27.64
C PHE A 483 23.35 10.23 28.45
N ASP A 484 23.54 9.80 29.70
CA ASP A 484 22.47 9.87 30.68
C ASP A 484 22.60 11.15 31.52
N LYS A 485 21.62 11.40 32.39
CA LYS A 485 21.58 12.64 33.17
C LYS A 485 22.74 12.74 34.15
N ALA A 486 23.27 11.61 34.61
CA ALA A 486 24.40 11.56 35.53
C ALA A 486 25.72 11.95 34.85
N GLY A 487 25.74 11.93 33.53
CA GLY A 487 26.94 12.24 32.77
C GLY A 487 27.77 11.03 32.38
N ARG A 488 27.23 9.81 32.50
CA ARG A 488 27.86 8.65 31.89
C ARG A 488 27.73 8.72 30.37
N LEU A 489 28.80 8.37 29.67
CA LEU A 489 28.80 8.26 28.23
C LEU A 489 28.73 6.81 27.81
N TRP A 490 27.64 6.47 27.13
CA TRP A 490 27.37 5.13 26.66
C TRP A 490 27.81 5.03 25.23
N ILE A 491 28.55 3.98 24.91
CA ILE A 491 29.19 3.79 23.61
C ILE A 491 28.63 2.48 23.05
N LEU A 492 28.09 2.53 21.84
CA LEU A 492 27.46 1.38 21.21
C LEU A 492 28.26 0.99 19.98
N THR A 493 28.44 -0.30 19.72
CA THR A 493 29.31 -0.68 18.62
C THR A 493 28.61 -1.33 17.43
N ASP A 494 29.19 -1.10 16.27
CA ASP A 494 28.75 -1.65 15.00
C ASP A 494 29.99 -2.06 14.21
N GLY A 495 30.67 -3.09 14.68
CA GLY A 495 31.93 -3.49 14.12
C GLY A 495 31.93 -4.92 13.70
N ASP A 496 33.14 -5.38 13.43
CA ASP A 496 33.40 -6.74 13.03
C ASP A 496 33.18 -7.64 14.26
N SER A 497 32.32 -8.66 14.11
CA SER A 497 31.98 -9.58 15.19
CA SER A 497 31.99 -9.57 15.20
C SER A 497 32.60 -10.95 14.99
N SER A 498 33.63 -11.05 14.16
CA SER A 498 34.27 -12.33 13.91
C SER A 498 34.98 -12.90 15.12
N ASN A 499 35.33 -12.04 16.07
CA ASN A 499 36.11 -12.43 17.25
C ASN A 499 37.43 -13.09 16.84
N ALA A 500 37.97 -12.72 15.68
CA ALA A 500 39.18 -13.34 15.14
C ALA A 500 40.06 -12.31 14.44
N GLY A 501 41.32 -12.67 14.23
CA GLY A 501 42.25 -11.77 13.57
C GLY A 501 42.40 -10.48 14.33
N ASP A 502 42.24 -9.35 13.64
CA ASP A 502 42.33 -8.05 14.28
C ASP A 502 41.33 -7.85 15.39
N PHE A 503 40.27 -8.64 15.37
CA PHE A 503 39.16 -8.50 16.29
C PHE A 503 39.10 -9.60 17.35
N ALA A 504 40.19 -10.35 17.47
CA ALA A 504 40.25 -11.47 18.42
C ALA A 504 40.04 -11.00 19.84
N GLY A 505 39.11 -11.64 20.53
CA GLY A 505 38.78 -11.30 21.90
C GLY A 505 37.72 -10.20 22.08
N MET A 506 37.23 -9.63 20.97
CA MET A 506 36.21 -8.58 21.06
C MET A 506 34.78 -9.09 21.07
N GLY A 507 34.56 -10.29 20.54
CA GLY A 507 33.24 -10.90 20.59
C GLY A 507 32.19 -10.17 19.75
N ASN A 508 30.94 -10.36 20.13
CA ASN A 508 29.80 -9.73 19.46
C ASN A 508 29.78 -8.24 19.73
N ASN A 509 28.94 -7.53 18.98
CA ASN A 509 28.75 -6.10 19.20
C ASN A 509 28.19 -5.86 20.60
N GLN A 510 28.38 -4.67 21.08
CA GLN A 510 28.35 -4.45 22.50
C GLN A 510 28.08 -2.98 22.83
N MET A 511 27.88 -2.75 24.12
CA MET A 511 27.68 -1.41 24.68
C MET A 511 28.62 -1.27 25.88
N LEU A 512 29.30 -0.13 25.93
CA LEU A 512 30.21 0.19 26.99
C LEU A 512 29.80 1.49 27.65
N CYS A 513 30.39 1.75 28.81
CA CYS A 513 30.11 2.96 29.56
C CYS A 513 31.44 3.63 29.92
N ALA A 514 31.49 4.95 29.75
CA ALA A 514 32.71 5.71 30.00
C ALA A 514 32.47 6.89 30.93
N ASP A 515 33.51 7.22 31.68
CA ASP A 515 33.56 8.44 32.48
C ASP A 515 34.33 9.49 31.65
N PRO A 516 33.63 10.51 31.14
CA PRO A 516 34.32 11.53 30.32
C PRO A 516 35.48 12.24 31.02
N ALA A 517 35.40 12.39 32.33
CA ALA A 517 36.41 13.12 33.10
C ALA A 517 37.71 12.38 33.24
N THR A 518 37.67 11.05 33.16
CA THR A 518 38.85 10.23 33.42
C THR A 518 39.29 9.37 32.26
N GLY A 519 38.42 9.17 31.28
CA GLY A 519 38.73 8.29 30.16
C GLY A 519 38.46 6.80 30.41
N GLU A 520 38.06 6.45 31.62
CA GLU A 520 37.82 5.04 31.94
C GLU A 520 36.61 4.46 31.20
N ILE A 521 36.79 3.27 30.64
CA ILE A 521 35.76 2.60 29.85
C ILE A 521 35.55 1.18 30.37
N ARG A 522 34.30 0.79 30.64
CA ARG A 522 33.94 -0.56 31.05
C ARG A 522 32.89 -1.14 30.12
N ARG A 523 33.01 -2.41 29.78
CA ARG A 523 32.00 -3.10 28.98
C ARG A 523 30.76 -3.41 29.81
N PHE A 524 29.60 -3.04 29.29
CA PHE A 524 28.33 -3.20 30.01
C PHE A 524 27.42 -4.28 29.46
N MET A 525 27.32 -4.38 28.12
CA MET A 525 26.38 -5.31 27.49
C MET A 525 26.98 -5.92 26.25
N VAL A 526 26.70 -7.20 26.01
CA VAL A 526 27.02 -7.83 24.74
C VAL A 526 25.71 -8.28 24.09
N GLY A 527 25.56 -8.05 22.79
CA GLY A 527 24.36 -8.45 22.07
C GLY A 527 24.51 -9.79 21.38
N PRO A 528 23.43 -10.23 20.70
CA PRO A 528 23.40 -11.56 20.06
C PRO A 528 24.13 -11.63 18.72
N ILE A 529 24.05 -12.80 18.06
CA ILE A 529 24.88 -13.09 16.89
C ILE A 529 24.41 -12.30 15.69
N GLY A 530 25.35 -11.63 15.05
CA GLY A 530 25.09 -10.98 13.77
C GLY A 530 24.44 -9.62 13.87
N CYS A 531 24.17 -9.16 15.09
CA CYS A 531 23.55 -7.85 15.29
C CYS A 531 24.57 -6.73 15.35
N GLU A 532 24.08 -5.48 15.30
CA GLU A 532 24.79 -4.36 15.87
C GLU A 532 23.92 -3.81 16.99
N VAL A 533 24.56 -3.09 17.91
CA VAL A 533 23.90 -2.49 19.03
C VAL A 533 23.73 -1.01 18.66
N THR A 534 22.49 -0.50 18.66
CA THR A 534 22.24 0.85 18.13
C THR A 534 20.92 1.36 18.68
N GLY A 535 20.84 2.66 18.92
CA GLY A 535 19.68 3.25 19.52
C GLY A 535 19.79 3.23 21.02
N ILE A 536 19.62 4.38 21.63
CA ILE A 536 19.62 4.46 23.07
C ILE A 536 18.69 5.56 23.58
N SER A 537 17.92 5.24 24.61
CA SER A 537 17.09 6.23 25.31
CA SER A 537 17.15 6.25 25.31
C SER A 537 16.96 5.78 26.74
N PHE A 538 16.65 6.72 27.64
CA PHE A 538 16.45 6.39 29.03
C PHE A 538 15.04 6.76 29.43
N SER A 539 14.45 6.00 30.36
CA SER A 539 13.25 6.48 31.05
C SER A 539 13.62 7.76 31.78
N PRO A 540 12.64 8.64 32.03
CA PRO A 540 12.98 9.88 32.72
C PRO A 540 13.72 9.63 34.05
N ASP A 541 13.30 8.62 34.81
CA ASP A 541 13.93 8.31 36.10
C ASP A 541 15.27 7.58 36.02
N GLN A 542 15.70 7.26 34.79
CA GLN A 542 17.02 6.66 34.52
C GLN A 542 17.14 5.21 35.00
N LYS A 543 16.01 4.59 35.30
CA LYS A 543 16.00 3.23 35.85
C LYS A 543 15.75 2.18 34.75
N THR A 544 15.41 2.63 33.54
CA THR A 544 15.33 1.79 32.36
C THR A 544 16.18 2.42 31.26
N LEU A 545 17.07 1.62 30.68
CA LEU A 545 17.85 1.98 29.53
C LEU A 545 17.27 1.18 28.36
N PHE A 546 16.75 1.85 27.35
CA PHE A 546 16.26 1.23 26.11
C PHE A 546 17.38 1.20 25.06
N VAL A 547 17.64 0.05 24.46
CA VAL A 547 18.72 -0.10 23.50
C VAL A 547 18.24 -1.00 22.36
N GLY A 548 18.64 -0.69 21.13
CA GLY A 548 18.28 -1.48 19.99
C GLY A 548 19.27 -2.57 19.65
N ILE A 549 18.70 -3.69 19.23
CA ILE A 549 19.43 -4.81 18.67
C ILE A 549 19.00 -4.88 17.22
N GLN A 550 19.89 -4.49 16.30
CA GLN A 550 19.53 -4.35 14.92
C GLN A 550 20.10 -5.53 14.10
N HIS A 551 19.27 -6.04 13.19
CA HIS A 551 19.59 -7.15 12.28
C HIS A 551 20.25 -8.34 12.94
N PRO A 552 19.75 -8.81 14.08
CA PRO A 552 20.28 -10.10 14.55
C PRO A 552 20.22 -11.15 13.44
N GLY A 553 21.29 -11.91 13.30
CA GLY A 553 21.33 -12.95 12.28
C GLY A 553 21.46 -12.45 10.86
N GLU A 554 22.12 -11.30 10.64
CA GLU A 554 22.22 -10.79 9.28
C GLU A 554 22.84 -11.80 8.29
N ASN A 555 23.73 -12.66 8.79
CA ASN A 555 24.34 -13.74 7.99
C ASN A 555 23.86 -15.13 8.38
N GLY A 556 22.67 -15.23 8.95
N GLY A 556 22.66 -15.22 8.93
CA GLY A 556 22.22 -16.48 9.53
CA GLY A 556 21.96 -16.50 9.14
C GLY A 556 22.80 -16.64 10.92
C GLY A 556 22.23 -17.24 10.45
N GLY A 557 22.45 -17.72 11.61
N GLY A 557 22.83 -16.56 11.42
CA GLY A 557 23.09 -17.96 12.88
CA GLY A 557 23.33 -17.24 12.61
C GLY A 557 22.44 -17.32 14.09
C GLY A 557 22.62 -17.00 13.96
N SER A 558 21.38 -16.52 13.90
CA SER A 558 20.62 -16.11 15.09
C SER A 558 19.16 -16.54 15.03
N THR A 559 18.59 -16.77 16.21
CA THR A 559 17.14 -16.91 16.39
C THR A 559 16.59 -15.93 17.43
N PHE A 560 17.38 -14.92 17.74
CA PHE A 560 17.02 -13.92 18.75
C PHE A 560 15.87 -13.04 18.25
N PRO A 561 14.89 -12.74 19.13
CA PRO A 561 14.80 -13.04 20.57
C PRO A 561 13.99 -14.28 20.93
N GLU A 562 13.20 -14.79 20.00
CA GLU A 562 12.21 -15.84 20.35
C GLU A 562 12.82 -17.21 20.50
N HIS A 563 13.94 -17.45 19.83
CA HIS A 563 14.67 -18.72 19.90
C HIS A 563 13.81 -19.93 19.67
N LEU A 564 12.97 -19.84 18.65
CA LEU A 564 12.21 -21.00 18.16
C LEU A 564 13.08 -21.87 17.25
N PRO A 565 12.79 -23.18 17.18
CA PRO A 565 13.60 -24.07 16.34
C PRO A 565 13.59 -23.61 14.89
N ASN A 566 14.77 -23.46 14.29
CA ASN A 566 14.92 -22.98 12.91
C ASN A 566 14.18 -21.67 12.69
N GLY A 567 14.17 -20.87 13.76
CA GLY A 567 13.35 -19.67 13.80
C GLY A 567 13.94 -18.49 13.04
N LYS A 568 13.13 -17.44 12.99
CA LYS A 568 13.46 -16.19 12.31
C LYS A 568 13.85 -15.13 13.35
N PRO A 569 15.05 -14.57 13.27
CA PRO A 569 15.43 -13.54 14.22
C PRO A 569 14.78 -12.19 13.88
N ARG A 570 14.57 -11.35 14.90
CA ARG A 570 13.85 -10.09 14.73
C ARG A 570 14.52 -8.96 15.47
N SER A 571 14.83 -7.88 14.73
CA SER A 571 15.35 -6.68 15.34
C SER A 571 14.40 -6.29 16.48
N SER A 572 14.95 -5.89 17.61
CA SER A 572 14.14 -5.57 18.77
C SER A 572 14.71 -4.39 19.54
N VAL A 573 13.82 -3.69 20.24
CA VAL A 573 14.19 -2.72 21.25
C VAL A 573 14.10 -3.42 22.60
N MET A 574 15.19 -3.40 23.35
CA MET A 574 15.29 -4.02 24.68
C MET A 574 15.16 -2.99 25.79
N ALA A 575 14.56 -3.38 26.91
CA ALA A 575 14.55 -2.61 28.13
C ALA A 575 15.50 -3.24 29.14
N ILE A 576 16.52 -2.50 29.54
CA ILE A 576 17.54 -2.95 30.50
C ILE A 576 17.24 -2.29 31.84
N THR A 577 17.17 -3.09 32.89
CA THR A 577 16.85 -2.60 34.23
C THR A 577 17.73 -3.32 35.27
N ARG A 578 17.78 -2.74 36.47
CA ARG A 578 18.40 -3.40 37.62
C ARG A 578 17.34 -4.18 38.38
N GLU A 579 17.70 -5.38 38.82
CA GLU A 579 16.85 -6.18 39.70
C GLU A 579 16.46 -5.42 40.96
N ASP A 580 17.36 -4.57 41.45
CA ASP A 580 17.05 -3.77 42.65
C ASP A 580 16.28 -2.45 42.38
N GLY A 581 15.96 -2.19 41.11
CA GLY A 581 15.16 -1.03 40.73
C GLY A 581 15.91 0.29 40.72
N GLY A 582 17.24 0.24 40.81
CA GLY A 582 18.04 1.45 40.84
C GLY A 582 18.37 2.01 39.47
N ILE A 583 19.19 3.07 39.48
CA ILE A 583 19.55 3.77 38.27
C ILE A 583 20.59 2.97 37.47
N VAL A 584 20.35 2.85 36.17
CA VAL A 584 21.22 2.03 35.32
C VAL A 584 22.60 2.67 35.19
N GLY A 585 23.63 1.90 35.46
CA GLY A 585 24.99 2.36 35.40
C GLY A 585 25.56 2.80 36.73
N ALA A 586 24.70 3.08 37.70
CA ALA A 586 25.11 3.68 38.97
C ALA A 586 25.53 2.62 39.98
N HIS A 587 26.13 3.04 41.08
CA HIS A 587 26.51 2.11 42.14
C HIS A 587 25.31 1.46 42.82
N HIS A 588 25.54 0.28 43.39
CA HIS A 588 24.50 -0.46 44.13
C HIS A 588 24.50 -0.17 45.61
N SER B 8 -51.96 -4.21 -12.66
CA SER B 8 -51.37 -5.59 -12.61
C SER B 8 -51.40 -6.16 -11.21
N ARG B 9 -51.30 -7.49 -11.13
CA ARG B 9 -51.20 -8.19 -9.86
C ARG B 9 -49.93 -7.77 -9.11
N LEU B 10 -48.81 -7.77 -9.83
CA LEU B 10 -47.50 -7.56 -9.24
C LEU B 10 -47.04 -6.11 -9.16
N LEU B 11 -47.55 -5.26 -10.05
CA LEU B 11 -47.05 -3.87 -10.13
C LEU B 11 -47.99 -2.94 -9.36
N GLY B 12 -47.54 -2.55 -8.17
CA GLY B 12 -48.38 -1.79 -7.25
C GLY B 12 -48.25 -0.28 -7.25
N PHE B 13 -47.41 0.26 -8.13
CA PHE B 13 -47.07 1.69 -8.18
C PHE B 13 -47.40 2.20 -9.59
N ASP B 14 -47.71 3.49 -9.72
CA ASP B 14 -47.92 4.09 -11.05
C ASP B 14 -46.57 4.45 -11.65
N SER B 15 -46.38 4.11 -12.94
CA SER B 15 -45.19 4.44 -13.72
C SER B 15 -44.88 5.94 -13.62
N ILE B 16 -43.60 6.28 -13.39
CA ILE B 16 -43.19 7.67 -13.22
C ILE B 16 -42.64 8.22 -14.52
N PRO B 17 -42.66 9.55 -14.68
CA PRO B 17 -42.04 10.10 -15.90
C PRO B 17 -40.51 9.98 -15.94
N ALA B 18 -39.95 10.09 -17.15
CA ALA B 18 -38.51 10.26 -17.32
C ALA B 18 -38.06 11.53 -16.63
N ALA B 19 -36.80 11.62 -16.26
CA ALA B 19 -36.27 12.82 -15.58
C ALA B 19 -34.85 13.08 -15.96
N THR B 20 -34.43 14.33 -15.80
CA THR B 20 -33.08 14.74 -16.12
C THR B 20 -32.40 15.41 -14.93
N THR B 21 -33.05 15.40 -13.77
CA THR B 21 -32.51 16.04 -12.58
C THR B 21 -31.37 15.25 -11.93
N ASP B 22 -30.58 15.95 -11.12
CA ASP B 22 -29.44 15.35 -10.43
C ASP B 22 -29.87 14.79 -9.08
N THR B 23 -30.94 13.99 -9.12
N THR B 23 -30.85 13.90 -9.11
CA THR B 23 -31.63 13.47 -7.95
CA THR B 23 -31.40 13.33 -7.90
C THR B 23 -32.09 12.03 -8.24
C THR B 23 -32.01 11.96 -8.22
N ILE B 24 -32.60 11.35 -7.19
CA ILE B 24 -33.34 10.12 -7.35
C ILE B 24 -34.82 10.50 -7.44
N SER B 25 -35.49 10.06 -8.51
CA SER B 25 -36.94 10.24 -8.70
C SER B 25 -37.61 8.89 -8.53
N LEU B 26 -38.72 8.88 -7.79
CA LEU B 26 -39.42 7.67 -7.40
C LEU B 26 -40.93 7.89 -7.47
N PRO B 27 -41.73 6.81 -7.34
CA PRO B 27 -43.17 7.02 -7.29
C PRO B 27 -43.62 7.64 -5.96
N LYS B 28 -44.85 8.14 -5.93
CA LYS B 28 -45.43 8.70 -4.71
CA LYS B 28 -45.42 8.70 -4.71
C LYS B 28 -45.38 7.66 -3.59
N GLY B 29 -45.04 8.11 -2.39
CA GLY B 29 -45.03 7.25 -1.21
C GLY B 29 -43.71 6.53 -1.00
N TYR B 30 -42.72 6.75 -1.86
CA TYR B 30 -41.40 6.12 -1.73
C TYR B 30 -40.36 7.13 -1.26
N LYS B 31 -39.31 6.63 -0.62
CA LYS B 31 -38.23 7.49 -0.20
C LYS B 31 -36.91 6.79 -0.46
N SER B 32 -35.83 7.58 -0.47
CA SER B 32 -34.49 7.06 -0.65
C SER B 32 -33.52 7.68 0.37
N SER B 33 -32.49 6.90 0.71
CA SER B 33 -31.46 7.30 1.67
CA SER B 33 -31.43 7.38 1.59
C SER B 33 -30.15 6.72 1.17
N VAL B 34 -29.04 7.40 1.44
CA VAL B 34 -27.74 6.85 1.11
C VAL B 34 -27.36 5.83 2.19
N LEU B 35 -27.04 4.61 1.77
CA LEU B 35 -26.50 3.61 2.70
C LEU B 35 -24.99 3.81 2.94
N ILE B 36 -24.25 3.94 1.85
CA ILE B 36 -22.80 4.11 1.89
C ILE B 36 -22.35 4.66 0.55
N SER B 37 -21.26 5.43 0.56
CA SER B 37 -20.66 6.02 -0.63
C SER B 37 -19.18 5.67 -0.73
N TRP B 38 -18.70 5.70 -1.97
CA TRP B 38 -17.28 5.68 -2.25
C TRP B 38 -16.52 6.53 -1.26
N GLY B 39 -15.51 5.94 -0.64
CA GLY B 39 -14.59 6.64 0.26
C GLY B 39 -14.92 6.51 1.73
N GLN B 40 -16.06 5.90 2.08
CA GLN B 40 -16.44 5.73 3.46
C GLN B 40 -15.44 4.82 4.18
N PRO B 41 -14.80 5.28 5.28
CA PRO B 41 -13.96 4.32 6.03
C PRO B 41 -14.75 3.16 6.62
N LEU B 42 -14.20 1.95 6.50
CA LEU B 42 -14.90 0.75 6.97
C LEU B 42 -14.64 0.41 8.43
N HIS B 43 -13.48 0.82 8.96
CA HIS B 43 -13.05 0.37 10.28
C HIS B 43 -13.10 1.46 11.32
N LYS B 44 -13.10 1.07 12.59
CA LYS B 44 -13.11 2.04 13.68
CA LYS B 44 -13.11 2.05 13.67
C LYS B 44 -11.87 2.91 13.58
N ASN B 45 -12.05 4.23 13.71
CA ASN B 45 -10.96 5.21 13.62
C ASN B 45 -10.38 5.31 12.20
N GLY B 46 -11.07 4.75 11.21
CA GLY B 46 -10.58 4.79 9.84
C GLY B 46 -10.55 6.19 9.23
N PRO B 47 -9.78 6.36 8.16
CA PRO B 47 -9.56 7.70 7.58
C PRO B 47 -10.80 8.24 6.90
N ALA B 48 -11.18 9.47 7.25
CA ALA B 48 -12.35 10.09 6.64
C ALA B 48 -12.13 10.34 5.16
N PHE B 49 -13.19 10.23 4.37
CA PHE B 49 -13.16 10.62 2.96
C PHE B 49 -12.69 12.07 2.84
N ASP B 50 -11.82 12.32 1.86
CA ASP B 50 -11.26 13.66 1.58
C ASP B 50 -11.77 14.13 0.20
N PRO B 51 -12.74 15.06 0.18
CA PRO B 51 -13.27 15.51 -1.11
C PRO B 51 -12.23 16.21 -2.01
N SER B 52 -11.12 16.63 -1.43
CA SER B 52 -10.07 17.32 -2.18
CA SER B 52 -10.09 17.33 -2.20
C SER B 52 -9.24 16.37 -3.03
N GLY B 53 -9.43 15.07 -2.87
CA GLY B 53 -8.68 14.09 -3.63
C GLY B 53 -7.31 13.69 -3.05
N ASN B 54 -6.93 14.25 -1.90
CA ASN B 54 -5.63 13.98 -1.33
C ASN B 54 -5.52 12.74 -0.43
N GLY B 55 -6.57 11.94 -0.34
CA GLY B 55 -6.47 10.66 0.34
C GLY B 55 -5.40 9.78 -0.28
N THR B 56 -4.78 8.95 0.55
CA THR B 56 -3.75 8.05 0.07
C THR B 56 -4.30 6.71 -0.46
N ALA B 57 -3.44 5.97 -1.16
CA ALA B 57 -3.77 4.62 -1.59
C ALA B 57 -4.03 3.74 -0.40
N ALA B 58 -3.21 3.84 0.64
CA ALA B 58 -3.41 3.01 1.83
C ALA B 58 -4.78 3.29 2.46
N ALA B 59 -5.22 4.56 2.48
CA ALA B 59 -6.52 4.88 3.01
C ALA B 59 -7.62 4.26 2.16
N GLN B 60 -7.47 4.34 0.86
CA GLN B 60 -8.46 3.77 -0.05
C GLN B 60 -8.62 2.27 0.09
N GLU B 61 -7.54 1.60 0.49
CA GLU B 61 -7.59 0.16 0.75
C GLU B 61 -8.44 -0.20 1.98
N VAL B 62 -8.79 0.79 2.82
CA VAL B 62 -9.63 0.54 3.99
C VAL B 62 -10.91 1.39 3.93
N GLN B 63 -11.25 1.86 2.74
CA GLN B 63 -12.45 2.64 2.48
C GLN B 63 -13.30 1.93 1.43
N PHE B 64 -14.60 2.16 1.50
CA PHE B 64 -15.51 1.66 0.48
C PHE B 64 -14.98 2.04 -0.90
N GLY B 65 -14.98 1.08 -1.83
CA GLY B 65 -14.40 1.30 -3.12
C GLY B 65 -15.25 2.19 -4.02
N ASP B 66 -14.75 2.43 -5.23
CA ASP B 66 -15.39 3.31 -6.18
C ASP B 66 -16.37 2.56 -7.07
N ASN B 67 -17.19 3.30 -7.78
CA ASN B 67 -18.05 2.73 -8.80
C ASN B 67 -18.72 1.42 -8.43
N ASN B 68 -19.43 1.43 -7.30
N ASN B 68 -19.46 1.45 -7.32
CA ASN B 68 -20.13 0.23 -6.86
CA ASN B 68 -20.22 0.30 -6.85
C ASN B 68 -21.06 -0.28 -7.93
C ASN B 68 -21.12 -0.28 -7.94
N ASP B 69 -21.17 -1.61 -8.00
CA ASP B 69 -21.85 -2.29 -9.10
C ASP B 69 -22.67 -3.49 -8.52
N GLY B 70 -22.43 -4.72 -8.94
CA GLY B 70 -23.25 -5.80 -8.42
C GLY B 70 -23.05 -6.03 -6.95
N MET B 71 -24.07 -6.58 -6.30
CA MET B 71 -24.06 -6.77 -4.87
C MET B 71 -25.09 -7.83 -4.42
N SER B 72 -24.80 -8.50 -3.32
CA SER B 72 -25.78 -9.40 -2.68
C SER B 72 -25.84 -9.14 -1.18
N LEU B 73 -26.97 -9.50 -0.59
CA LEU B 73 -27.22 -9.39 0.83
C LEU B 73 -27.33 -10.82 1.39
N PHE B 74 -26.73 -11.01 2.56
CA PHE B 74 -26.70 -12.29 3.24
C PHE B 74 -27.32 -12.13 4.62
N GLU B 75 -28.31 -12.96 4.92
CA GLU B 75 -28.96 -12.99 6.23
C GLU B 75 -28.00 -13.44 7.30
N PHE B 76 -28.13 -12.88 8.49
N PHE B 76 -28.09 -12.85 8.49
CA PHE B 76 -27.27 -13.24 9.60
CA PHE B 76 -27.27 -13.26 9.62
C PHE B 76 -27.98 -14.30 10.43
C PHE B 76 -27.98 -14.32 10.43
N PRO B 77 -27.45 -15.54 10.42
CA PRO B 77 -28.08 -16.59 11.21
C PRO B 77 -28.24 -16.18 12.67
N GLY B 78 -29.46 -16.31 13.16
CA GLY B 78 -29.81 -16.03 14.54
C GLY B 78 -30.11 -14.59 14.89
N GLU B 79 -30.03 -13.66 13.91
CA GLU B 79 -30.19 -12.23 14.17
CA GLU B 79 -30.22 -12.23 14.19
C GLU B 79 -30.94 -11.51 13.05
N LYS B 80 -32.25 -11.31 13.22
CA LYS B 80 -33.07 -10.71 12.17
C LYS B 80 -32.77 -9.22 11.85
N ASN B 81 -32.10 -8.53 12.75
CA ASN B 81 -31.77 -7.11 12.49
C ASN B 81 -30.34 -6.84 12.04
N ARG B 82 -29.68 -7.90 11.58
CA ARG B 82 -28.30 -7.82 11.08
CA ARG B 82 -28.32 -7.85 11.11
C ARG B 82 -28.25 -8.51 9.73
N ALA B 83 -27.35 -8.03 8.85
CA ALA B 83 -27.10 -8.66 7.55
C ALA B 83 -25.70 -8.24 7.07
N LEU B 84 -25.16 -9.03 6.16
CA LEU B 84 -23.93 -8.64 5.47
C LEU B 84 -24.27 -8.33 4.02
N MET B 85 -23.58 -7.35 3.45
CA MET B 85 -23.66 -7.10 2.03
C MET B 85 -22.27 -7.18 1.42
N ALA B 86 -22.17 -7.85 0.27
CA ALA B 86 -20.92 -7.89 -0.50
C ALA B 86 -21.21 -7.10 -1.77
N ILE B 87 -20.40 -6.06 -2.00
CA ILE B 87 -20.66 -5.07 -3.03
C ILE B 87 -19.40 -4.94 -3.91
N ASN B 88 -19.57 -5.11 -5.21
CA ASN B 88 -18.49 -4.95 -6.16
C ASN B 88 -18.13 -3.49 -6.38
N ASN B 89 -16.85 -3.26 -6.65
CA ASN B 89 -16.32 -1.94 -6.99
C ASN B 89 -15.62 -2.07 -8.32
N GLU B 90 -16.21 -1.55 -9.40
CA GLU B 90 -15.81 -1.97 -10.73
C GLU B 90 -14.58 -1.24 -11.27
N TYR B 91 -14.59 0.09 -11.14
CA TYR B 91 -13.52 0.91 -11.72
C TYR B 91 -13.50 2.24 -11.02
N THR B 92 -12.69 3.18 -11.50
CA THR B 92 -12.60 4.47 -10.82
C THR B 92 -12.66 5.59 -11.85
N ASN B 93 -12.89 6.78 -11.36
CA ASN B 93 -13.04 7.98 -12.18
C ASN B 93 -11.86 8.91 -11.87
N TYR B 94 -10.88 8.93 -12.75
CA TYR B 94 -9.63 9.64 -12.47
C TYR B 94 -9.85 11.13 -12.18
N ARG B 95 -10.88 11.71 -12.81
CA ARG B 95 -11.20 13.13 -12.63
C ARG B 95 -11.52 13.46 -11.16
N TYR B 96 -12.00 12.47 -10.40
CA TYR B 96 -12.33 12.61 -8.99
C TYR B 96 -11.33 11.94 -8.03
N LEU B 97 -10.68 10.87 -8.50
CA LEU B 97 -9.82 10.09 -7.61
C LEU B 97 -8.58 10.85 -7.17
N TYR B 98 -7.96 11.53 -8.12
CA TYR B 98 -6.67 12.19 -7.88
C TYR B 98 -6.85 13.72 -7.78
N PRO B 99 -6.03 14.39 -6.96
CA PRO B 99 -6.14 15.85 -6.89
C PRO B 99 -5.83 16.53 -8.22
N HIS B 100 -5.03 15.87 -9.05
CA HIS B 100 -4.69 16.37 -10.37
C HIS B 100 -5.72 16.04 -11.43
N GLY B 101 -6.69 15.19 -11.09
CA GLY B 101 -7.78 14.85 -12.00
C GLY B 101 -7.44 14.18 -13.31
N GLY B 102 -6.27 13.56 -13.41
CA GLY B 102 -5.81 13.00 -14.67
C GLY B 102 -5.27 11.58 -14.56
N MET B 103 -4.52 11.15 -15.55
CA MET B 103 -3.94 9.80 -15.57
C MET B 103 -2.97 9.58 -14.39
N PRO B 104 -2.83 8.34 -13.93
CA PRO B 104 -1.84 8.06 -12.87
C PRO B 104 -0.47 8.62 -13.23
N GLN B 105 0.21 9.12 -12.20
CA GLN B 105 1.51 9.79 -12.36
C GLN B 105 2.62 9.07 -11.61
N SER B 106 2.29 7.93 -11.00
CA SER B 106 3.21 7.29 -10.08
C SER B 106 2.73 5.90 -9.68
N ALA B 107 3.62 5.16 -9.05
CA ALA B 107 3.28 3.88 -8.45
C ALA B 107 2.23 4.03 -7.37
N GLU B 108 2.28 5.09 -6.59
CA GLU B 108 1.25 5.29 -5.57
C GLU B 108 -0.12 5.60 -6.20
N ASP B 109 -0.15 6.38 -7.28
CA ASP B 109 -1.38 6.61 -8.01
C ASP B 109 -1.97 5.29 -8.51
N VAL B 110 -1.15 4.39 -9.03
CA VAL B 110 -1.65 3.10 -9.52
C VAL B 110 -2.18 2.27 -8.37
N ARG B 111 -1.48 2.24 -7.25
CA ARG B 111 -1.98 1.54 -6.06
CA ARG B 111 -1.96 1.55 -6.06
C ARG B 111 -3.31 2.11 -5.58
N LYS B 112 -3.52 3.42 -5.73
CA LYS B 112 -4.76 4.05 -5.33
C LYS B 112 -5.92 3.63 -6.23
N ALA B 113 -5.66 3.49 -7.52
CA ALA B 113 -6.69 3.01 -8.44
C ALA B 113 -7.05 1.55 -8.20
N LEU B 114 -6.04 0.70 -8.06
CA LEU B 114 -6.29 -0.71 -7.74
C LEU B 114 -7.03 -0.85 -6.40
N ALA B 115 -6.79 0.05 -5.46
CA ALA B 115 -7.44 0.01 -4.15
C ALA B 115 -8.94 0.31 -4.26
N CYS B 116 -9.31 1.04 -5.31
CA CYS B 116 -10.71 1.42 -5.54
C CYS B 116 -11.54 0.27 -6.03
N GLU B 117 -10.90 -0.76 -6.58
CA GLU B 117 -11.62 -1.85 -7.26
C GLU B 117 -11.60 -3.10 -6.40
N GLY B 118 -12.52 -4.02 -6.69
CA GLY B 118 -12.62 -5.30 -5.98
C GLY B 118 -14.00 -5.44 -5.38
N VAL B 119 -14.03 -5.73 -4.07
CA VAL B 119 -15.25 -5.95 -3.35
C VAL B 119 -15.16 -5.25 -1.99
N SER B 120 -16.29 -4.74 -1.52
CA SER B 120 -16.44 -4.22 -0.19
C SER B 120 -17.49 -5.09 0.50
N VAL B 121 -17.10 -5.73 1.60
CA VAL B 121 -18.03 -6.46 2.46
C VAL B 121 -18.33 -5.58 3.65
N ILE B 122 -19.62 -5.39 3.92
CA ILE B 122 -20.09 -4.52 5.01
C ILE B 122 -21.18 -5.18 5.80
N GLU B 123 -21.25 -4.84 7.08
CA GLU B 123 -22.38 -5.18 7.90
C GLU B 123 -23.39 -4.02 7.89
N VAL B 124 -24.66 -4.38 7.85
CA VAL B 124 -25.77 -3.44 8.02
C VAL B 124 -26.65 -3.97 9.15
N GLN B 125 -27.22 -3.02 9.88
CA GLN B 125 -28.11 -3.32 10.99
C GLN B 125 -29.35 -2.43 10.91
N ARG B 126 -30.46 -2.95 11.38
CA ARG B 126 -31.71 -2.22 11.37
C ARG B 126 -31.91 -1.58 12.72
N LYS B 127 -32.16 -0.29 12.71
CA LYS B 127 -32.60 0.46 13.89
C LYS B 127 -33.77 1.35 13.49
N ASN B 128 -34.88 1.24 14.23
CA ASN B 128 -36.11 1.98 13.91
C ASN B 128 -36.55 1.73 12.45
N GLY B 129 -36.50 0.47 12.04
CA GLY B 129 -36.89 0.08 10.67
C GLY B 129 -35.89 0.32 9.53
N GLN B 130 -34.91 1.19 9.74
CA GLN B 130 -33.98 1.61 8.69
CA GLN B 130 -33.99 1.61 8.68
C GLN B 130 -32.66 0.84 8.77
N TRP B 131 -32.25 0.25 7.65
CA TRP B 131 -30.95 -0.42 7.54
C TRP B 131 -29.86 0.60 7.44
N GLN B 132 -28.81 0.46 8.26
CA GLN B 132 -27.71 1.39 8.25
C GLN B 132 -26.38 0.64 8.30
N PHE B 133 -25.39 1.23 7.63
CA PHE B 133 -24.03 0.69 7.69
C PHE B 133 -23.47 0.73 9.10
N VAL B 134 -22.77 -0.36 9.50
CA VAL B 134 -22.12 -0.50 10.79
C VAL B 134 -20.60 -0.38 10.57
N GLN B 135 -20.07 0.82 10.72
CA GLN B 135 -18.64 1.00 10.67
C GLN B 135 -18.03 0.28 11.87
N GLY B 136 -16.86 -0.35 11.70
CA GLY B 136 -16.20 -1.03 12.82
C GLY B 136 -16.61 -2.48 13.04
N SER B 137 -17.57 -2.98 12.24
CA SER B 137 -17.93 -4.41 12.30
C SER B 137 -16.73 -5.31 11.99
N ARG B 138 -16.59 -6.40 12.72
CA ARG B 138 -15.54 -7.38 12.47
C ARG B 138 -15.63 -8.01 11.06
N TYR B 139 -16.81 -7.93 10.44
CA TYR B 139 -17.01 -8.49 9.10
C TYR B 139 -16.65 -7.54 7.98
N ASN B 140 -16.45 -6.26 8.28
CA ASN B 140 -16.17 -5.30 7.22
C ASN B 140 -14.79 -5.60 6.59
N ARG B 141 -14.71 -5.53 5.27
CA ARG B 141 -13.49 -5.93 4.58
C ARG B 141 -13.42 -5.32 3.21
N ARG B 142 -12.22 -4.92 2.80
CA ARG B 142 -11.92 -4.66 1.39
C ARG B 142 -11.09 -5.79 0.81
N ILE B 143 -11.52 -6.26 -0.34
CA ILE B 143 -10.74 -7.10 -1.24
C ILE B 143 -10.49 -6.19 -2.44
N HIS B 144 -9.24 -6.01 -2.85
CA HIS B 144 -8.94 -5.02 -3.87
C HIS B 144 -7.95 -5.57 -4.88
N GLY B 145 -7.53 -4.72 -5.81
CA GLY B 145 -6.70 -5.12 -6.90
C GLY B 145 -5.30 -5.57 -6.53
N ASN B 146 -4.87 -5.35 -5.30
CA ASN B 146 -3.59 -5.89 -4.81
C ASN B 146 -3.72 -6.88 -3.65
N SER B 147 -4.91 -7.44 -3.47
CA SER B 147 -5.13 -8.41 -2.37
C SER B 147 -4.63 -9.83 -2.75
N PRO B 148 -4.09 -10.58 -1.78
CA PRO B 148 -3.69 -11.96 -2.12
C PRO B 148 -4.88 -12.88 -2.30
N LEU B 149 -4.96 -13.51 -3.47
CA LEU B 149 -6.02 -14.45 -3.82
C LEU B 149 -5.41 -15.81 -4.24
N ARG B 150 -6.25 -16.83 -4.33
CA ARG B 150 -5.84 -18.18 -4.75
C ARG B 150 -6.53 -18.48 -6.04
N ILE B 151 -5.93 -19.35 -6.86
CA ILE B 151 -6.53 -19.89 -8.07
C ILE B 151 -6.80 -21.37 -7.91
N SER B 152 -8.01 -21.82 -8.27
CA SER B 152 -8.36 -23.23 -8.17
CA SER B 152 -8.36 -23.23 -8.17
C SER B 152 -9.02 -23.72 -9.46
N GLY B 153 -9.30 -25.02 -9.52
CA GLY B 153 -9.94 -25.62 -10.66
C GLY B 153 -8.96 -26.09 -11.71
N PRO B 154 -9.49 -26.52 -12.87
CA PRO B 154 -8.65 -27.24 -13.83
C PRO B 154 -7.50 -26.46 -14.45
N ALA B 155 -7.53 -25.12 -14.44
CA ALA B 155 -6.44 -24.35 -15.00
C ALA B 155 -5.43 -23.91 -13.95
N ALA B 156 -5.73 -24.11 -12.66
CA ALA B 156 -4.77 -23.74 -11.63
C ALA B 156 -3.47 -24.52 -11.81
N GLY B 157 -2.34 -23.82 -11.72
CA GLY B 157 -1.04 -24.47 -11.82
C GLY B 157 -0.58 -24.74 -13.24
N HIS B 158 -1.37 -24.36 -14.23
CA HIS B 158 -0.99 -24.55 -15.63
C HIS B 158 0.16 -23.66 -16.04
N GLU B 159 0.98 -24.08 -17.01
CA GLU B 159 2.07 -23.25 -17.50
CA GLU B 159 2.06 -23.24 -17.51
C GLU B 159 1.59 -21.83 -17.86
N LEU B 160 0.41 -21.71 -18.46
CA LEU B 160 -0.10 -20.38 -18.90
C LEU B 160 -0.49 -19.46 -17.74
N MET B 161 -0.52 -20.01 -16.54
CA MET B 161 -0.93 -19.30 -15.33
C MET B 161 0.25 -18.96 -14.41
N LYS B 162 1.48 -19.29 -14.83
CA LYS B 162 2.69 -19.01 -14.06
C LYS B 162 3.34 -17.73 -14.54
N THR B 163 3.88 -16.98 -13.58
CA THR B 163 4.57 -15.73 -13.85
C THR B 163 5.85 -15.72 -13.03
N SER B 164 6.72 -14.75 -13.29
CA SER B 164 7.97 -14.61 -12.56
CA SER B 164 7.97 -14.66 -12.56
C SER B 164 7.71 -14.47 -11.06
N ALA B 165 6.65 -13.74 -10.71
CA ALA B 165 6.32 -13.50 -9.30
C ALA B 165 5.52 -14.63 -8.66
N ASP B 166 4.89 -15.47 -9.48
CA ASP B 166 4.16 -16.65 -9.00
C ASP B 166 4.50 -17.86 -9.84
N LYS B 167 5.59 -18.53 -9.48
CA LYS B 167 6.11 -19.62 -10.30
C LYS B 167 5.22 -20.85 -10.33
N HIS B 168 4.29 -20.97 -9.39
CA HIS B 168 3.44 -22.17 -9.30
C HIS B 168 2.05 -22.04 -9.88
N GLY B 169 1.63 -20.81 -10.25
CA GLY B 169 0.39 -20.63 -10.97
C GLY B 169 -0.86 -20.84 -10.13
N LYS B 170 -0.76 -20.62 -8.81
CA LYS B 170 -1.88 -20.79 -7.90
C LYS B 170 -2.13 -19.60 -6.96
N LYS B 171 -1.31 -18.55 -7.04
CA LYS B 171 -1.45 -17.39 -6.16
C LYS B 171 -1.46 -16.15 -7.01
N VAL B 172 -2.53 -15.38 -6.93
CA VAL B 172 -2.71 -14.21 -7.80
C VAL B 172 -2.98 -12.99 -6.92
N LEU B 173 -2.42 -11.85 -7.32
CA LEU B 173 -2.74 -10.58 -6.67
C LEU B 173 -3.92 -9.96 -7.36
N GLY B 174 -4.94 -9.76 -6.57
CA GLY B 174 -6.03 -8.93 -6.97
C GLY B 174 -7.19 -9.56 -7.70
N THR B 175 -8.34 -8.95 -7.48
CA THR B 175 -9.48 -9.00 -8.36
C THR B 175 -9.81 -7.54 -8.60
N PHE B 176 -10.05 -7.21 -9.87
CA PHE B 176 -10.35 -5.84 -10.27
C PHE B 176 -11.31 -5.86 -11.46
N GLN B 177 -11.88 -4.70 -11.81
CA GLN B 177 -12.88 -4.62 -12.90
C GLN B 177 -14.06 -5.52 -12.56
N ASN B 178 -14.37 -5.57 -11.26
CA ASN B 178 -15.47 -6.39 -10.71
C ASN B 178 -16.80 -5.78 -11.04
N CYS B 179 -17.55 -6.52 -11.84
CA CYS B 179 -18.75 -6.04 -12.49
C CYS B 179 -19.96 -6.47 -11.67
N ALA B 180 -20.51 -7.63 -11.95
CA ALA B 180 -21.68 -8.07 -11.19
C ALA B 180 -21.41 -9.41 -10.51
N ASN B 181 -22.47 -10.10 -10.12
CA ASN B 181 -22.41 -10.95 -8.92
C ASN B 181 -23.19 -12.24 -9.07
N GLY B 182 -23.00 -13.12 -8.08
CA GLY B 182 -23.91 -14.23 -7.83
C GLY B 182 -23.92 -14.50 -6.36
N LYS B 183 -25.00 -15.14 -5.90
CA LYS B 183 -25.18 -15.58 -4.52
C LYS B 183 -25.40 -17.08 -4.55
N THR B 184 -24.54 -17.87 -3.92
CA THR B 184 -24.71 -19.31 -3.98
C THR B 184 -25.60 -19.83 -2.84
N PRO B 185 -26.20 -21.01 -3.04
CA PRO B 185 -26.99 -21.61 -1.97
C PRO B 185 -26.16 -22.31 -0.89
N TRP B 186 -24.85 -22.14 -0.90
CA TRP B 186 -23.98 -22.56 0.19
C TRP B 186 -23.33 -21.38 0.88
N GLY B 187 -23.96 -20.21 0.81
CA GLY B 187 -23.59 -19.06 1.67
C GLY B 187 -22.36 -18.27 1.23
N THR B 188 -22.06 -18.29 -0.07
CA THR B 188 -20.92 -17.55 -0.58
C THR B 188 -21.35 -16.60 -1.71
N TYR B 189 -20.40 -15.71 -1.99
CA TYR B 189 -20.58 -14.64 -2.97
C TYR B 189 -19.69 -14.87 -4.18
N LEU B 190 -20.22 -14.67 -5.37
CA LEU B 190 -19.42 -14.72 -6.60
C LEU B 190 -19.31 -13.30 -7.14
N THR B 191 -18.08 -12.93 -7.48
CA THR B 191 -17.79 -11.66 -8.10
C THR B 191 -17.14 -11.92 -9.45
N CYS B 192 -17.48 -11.12 -10.46
CA CYS B 192 -17.14 -11.37 -11.85
C CYS B 192 -16.19 -10.33 -12.42
N GLU B 193 -15.07 -10.78 -12.96
CA GLU B 193 -14.10 -9.89 -13.58
C GLU B 193 -14.49 -9.69 -15.04
N GLU B 194 -14.85 -8.44 -15.40
CA GLU B 194 -15.34 -8.14 -16.75
C GLU B 194 -14.23 -7.52 -17.62
N ASN B 195 -14.08 -6.18 -17.59
CA ASN B 195 -13.16 -5.50 -18.52
C ASN B 195 -11.73 -5.46 -18.02
N PHE B 196 -11.26 -6.64 -17.61
CA PHE B 196 -9.92 -6.76 -17.03
C PHE B 196 -8.80 -6.41 -18.01
N THR B 197 -9.03 -6.71 -19.29
CA THR B 197 -8.04 -6.50 -20.33
C THR B 197 -7.66 -5.03 -20.52
N ASP B 198 -8.60 -4.16 -20.18
CA ASP B 198 -8.40 -2.70 -20.32
C ASP B 198 -7.19 -2.21 -19.52
N CYS B 199 -6.87 -2.93 -18.44
CA CYS B 199 -5.83 -2.54 -17.48
C CYS B 199 -4.41 -2.89 -17.89
N PHE B 200 -4.26 -3.63 -18.98
CA PHE B 200 -2.94 -4.11 -19.43
C PHE B 200 -2.46 -3.30 -20.62
N GLY B 201 -1.16 -3.08 -20.67
CA GLY B 201 -0.53 -2.49 -21.84
C GLY B 201 0.83 -3.12 -22.04
N SER B 202 1.68 -2.48 -22.83
CA SER B 202 3.03 -2.98 -23.06
C SER B 202 3.99 -1.84 -23.18
N SER B 203 5.19 -2.01 -22.63
CA SER B 203 6.29 -1.09 -22.82
C SER B 203 7.06 -1.36 -24.12
N ASN B 204 6.76 -2.44 -24.81
CA ASN B 204 7.45 -2.79 -26.05
C ASN B 204 6.67 -2.19 -27.21
N ALA B 205 7.25 -1.18 -27.84
CA ALA B 205 6.63 -0.55 -29.00
C ALA B 205 6.34 -1.55 -30.13
N GLN B 206 7.14 -2.61 -30.22
CA GLN B 206 6.92 -3.63 -31.25
C GLN B 206 6.15 -4.87 -30.72
N GLN B 207 5.43 -4.73 -29.60
CA GLN B 207 4.66 -5.83 -29.03
CA GLN B 207 4.65 -5.82 -29.03
C GLN B 207 3.79 -6.50 -30.08
N GLN B 208 3.92 -7.82 -30.16
CA GLN B 208 3.05 -8.64 -30.98
C GLN B 208 2.05 -9.32 -30.05
N PHE B 209 0.84 -9.50 -30.55
CA PHE B 209 -0.16 -10.25 -29.81
C PHE B 209 -0.54 -11.50 -30.59
N ASP B 210 -0.70 -12.60 -29.86
CA ASP B 210 -1.13 -13.87 -30.43
C ASP B 210 -2.66 -13.88 -30.63
N PRO B 211 -3.20 -14.89 -31.31
CA PRO B 211 -4.63 -14.93 -31.58
C PRO B 211 -5.52 -14.87 -30.33
N ALA B 212 -5.09 -15.49 -29.24
CA ALA B 212 -5.85 -15.48 -27.98
C ALA B 212 -5.82 -14.11 -27.34
N GLN B 213 -4.66 -13.46 -27.36
CA GLN B 213 -4.54 -12.10 -26.81
C GLN B 213 -5.41 -11.12 -27.61
N LYS B 214 -5.33 -11.20 -28.94
CA LYS B 214 -6.17 -10.40 -29.81
C LYS B 214 -7.66 -10.60 -29.58
N ARG B 215 -8.08 -11.85 -29.41
CA ARG B 215 -9.51 -12.12 -29.24
C ARG B 215 -10.06 -11.53 -27.96
N TYR B 216 -9.22 -11.46 -26.94
CA TYR B 216 -9.57 -10.86 -25.66
C TYR B 216 -9.45 -9.34 -25.63
N GLY B 217 -8.89 -8.75 -26.68
CA GLY B 217 -8.94 -7.30 -26.88
C GLY B 217 -7.83 -6.49 -26.22
N VAL B 218 -6.72 -7.11 -25.85
CA VAL B 218 -5.65 -6.38 -25.21
C VAL B 218 -4.93 -5.50 -26.22
N SER B 219 -4.43 -4.35 -25.76
CA SER B 219 -3.69 -3.41 -26.62
C SER B 219 -2.44 -2.95 -25.88
N ALA B 220 -1.44 -2.48 -26.63
CA ALA B 220 -0.20 -1.97 -26.03
C ALA B 220 -0.44 -0.69 -25.23
N ALA B 221 -1.45 0.09 -25.60
CA ALA B 221 -1.72 1.35 -24.93
C ALA B 221 -2.47 1.20 -23.62
N SER B 222 -3.17 0.07 -23.43
CA SER B 222 -4.27 -0.05 -22.43
C SER B 222 -5.45 0.78 -22.88
N ARG B 223 -6.62 0.60 -22.24
CA ARG B 223 -7.80 1.37 -22.62
C ARG B 223 -7.93 2.54 -21.67
N GLU B 224 -6.98 3.46 -21.81
N GLU B 224 -7.02 3.50 -21.78
CA GLU B 224 -6.90 4.70 -21.01
CA GLU B 224 -7.04 4.72 -20.97
C GLU B 224 -6.81 4.47 -19.51
C GLU B 224 -6.89 4.44 -19.47
N ILE B 225 -6.23 3.34 -19.14
CA ILE B 225 -6.01 2.97 -17.74
C ILE B 225 -4.62 3.36 -17.28
N ASN B 226 -3.61 2.92 -18.04
CA ASN B 226 -2.25 3.43 -17.89
C ASN B 226 -1.61 3.18 -16.52
N TRP B 227 -1.74 1.92 -16.10
CA TRP B 227 -1.04 1.41 -14.92
C TRP B 227 0.33 0.85 -15.22
N HIS B 228 0.49 0.25 -16.39
CA HIS B 228 1.72 -0.44 -16.77
C HIS B 228 3.03 0.34 -16.69
N PRO B 229 3.02 1.69 -16.88
CA PRO B 229 4.31 2.38 -16.73
C PRO B 229 4.82 2.43 -15.31
N PHE B 230 3.94 2.15 -14.33
CA PHE B 230 4.29 2.27 -12.92
C PHE B 230 4.20 0.99 -12.14
N ASP B 231 3.60 -0.04 -12.71
CA ASP B 231 3.54 -1.38 -12.08
C ASP B 231 3.69 -2.41 -13.21
N PRO B 232 4.85 -3.07 -13.28
CA PRO B 232 5.14 -3.94 -14.43
C PRO B 232 4.28 -5.21 -14.47
N ARG B 233 3.52 -5.50 -13.41
CA ARG B 233 2.57 -6.62 -13.41
C ARG B 233 1.60 -6.48 -14.60
N PHE B 234 1.34 -5.23 -15.01
CA PHE B 234 0.38 -4.91 -16.08
C PHE B 234 1.01 -4.68 -17.43
N ASP B 235 2.33 -4.88 -17.49
CA ASP B 235 3.09 -4.76 -18.73
C ASP B 235 3.28 -6.12 -19.39
N MET B 236 2.56 -6.31 -20.47
CA MET B 236 2.57 -7.56 -21.20
CA MET B 236 2.57 -7.58 -21.18
C MET B 236 3.93 -7.93 -21.78
N ALA B 237 4.81 -6.95 -21.96
CA ALA B 237 6.16 -7.25 -22.44
C ALA B 237 6.94 -8.06 -21.39
N LYS B 238 6.64 -7.82 -20.12
CA LYS B 238 7.34 -8.43 -18.99
C LYS B 238 6.57 -9.58 -18.33
N ASN B 239 5.25 -9.49 -18.24
CA ASN B 239 4.43 -10.49 -17.58
C ASN B 239 3.22 -10.89 -18.39
N PRO B 240 3.45 -11.41 -19.62
CA PRO B 240 2.27 -11.71 -20.46
C PRO B 240 1.26 -12.65 -19.84
N ASN B 241 1.73 -13.62 -19.04
CA ASN B 241 0.78 -14.57 -18.45
C ASN B 241 -0.10 -13.95 -17.39
N GLU B 242 0.23 -12.76 -16.91
CA GLU B 242 -0.66 -12.10 -15.94
C GLU B 242 -2.06 -11.90 -16.55
N LEU B 243 -2.13 -11.70 -17.86
CA LEU B 243 -3.41 -11.54 -18.56
C LEU B 243 -4.32 -12.76 -18.36
N ASN B 244 -3.72 -13.94 -18.16
CA ASN B 244 -4.47 -15.20 -18.01
C ASN B 244 -5.01 -15.41 -16.61
N ARG B 245 -4.51 -14.62 -15.66
CA ARG B 245 -4.82 -14.79 -14.24
C ARG B 245 -5.96 -13.89 -13.80
N HIS B 246 -6.63 -13.25 -14.77
CA HIS B 246 -7.81 -12.39 -14.58
C HIS B 246 -8.81 -12.72 -15.65
N GLY B 247 -10.05 -12.30 -15.44
CA GLY B 247 -11.16 -12.71 -16.30
C GLY B 247 -11.90 -13.92 -15.80
N TRP B 248 -11.95 -14.10 -14.49
CA TRP B 248 -12.54 -15.28 -13.86
C TRP B 248 -13.65 -14.88 -12.90
N VAL B 249 -14.48 -15.87 -12.54
CA VAL B 249 -15.43 -15.75 -11.43
C VAL B 249 -14.66 -16.07 -10.16
N VAL B 250 -14.83 -15.23 -9.14
CA VAL B 250 -14.11 -15.34 -7.89
C VAL B 250 -15.09 -15.56 -6.74
N GLU B 251 -14.82 -16.54 -5.90
CA GLU B 251 -15.73 -16.91 -4.81
C GLU B 251 -15.18 -16.39 -3.48
N ILE B 252 -16.04 -15.73 -2.73
CA ILE B 252 -15.74 -15.07 -1.46
C ILE B 252 -16.72 -15.53 -0.39
N ASP B 253 -16.21 -15.79 0.80
CA ASP B 253 -17.00 -16.13 1.97
C ASP B 253 -17.14 -14.86 2.81
N PRO B 254 -18.30 -14.18 2.74
CA PRO B 254 -18.43 -12.93 3.47
C PRO B 254 -18.45 -13.12 4.99
N PHE B 255 -18.74 -14.33 5.48
CA PHE B 255 -18.79 -14.58 6.93
C PHE B 255 -17.43 -14.93 7.55
N ASP B 256 -16.37 -14.98 6.74
CA ASP B 256 -15.04 -15.26 7.25
C ASP B 256 -14.10 -14.17 6.76
N PRO B 257 -13.89 -13.12 7.56
CA PRO B 257 -13.08 -11.99 7.09
C PRO B 257 -11.59 -12.29 6.89
N GLN B 258 -11.11 -13.45 7.35
CA GLN B 258 -9.73 -13.90 7.17
C GLN B 258 -9.57 -14.87 5.99
N SER B 259 -10.67 -15.23 5.32
CA SER B 259 -10.67 -16.23 4.25
C SER B 259 -10.01 -15.65 3.00
N THR B 260 -9.43 -16.54 2.19
CA THR B 260 -8.77 -16.13 0.95
C THR B 260 -9.68 -16.41 -0.24
N PRO B 261 -10.10 -15.37 -0.98
CA PRO B 261 -10.96 -15.61 -2.15
C PRO B 261 -10.31 -16.47 -3.20
N VAL B 262 -11.15 -17.14 -3.98
CA VAL B 262 -10.68 -18.18 -4.87
C VAL B 262 -11.21 -17.96 -6.28
N LYS B 263 -10.30 -17.87 -7.27
CA LYS B 263 -10.69 -17.78 -8.68
C LYS B 263 -11.05 -19.18 -9.19
N ARG B 264 -12.27 -19.32 -9.70
CA ARG B 264 -12.84 -20.61 -10.04
C ARG B 264 -12.69 -20.86 -11.54
N THR B 265 -11.57 -21.46 -11.93
CA THR B 265 -11.26 -21.59 -13.34
C THR B 265 -12.17 -22.55 -14.11
N ALA B 266 -12.92 -23.42 -13.41
CA ALA B 266 -13.84 -24.31 -14.11
C ALA B 266 -14.94 -23.56 -14.84
N LEU B 267 -15.18 -22.29 -14.43
CA LEU B 267 -16.26 -21.50 -15.01
C LEU B 267 -15.82 -20.72 -16.24
N GLY B 268 -14.55 -20.85 -16.62
CA GLY B 268 -14.01 -20.25 -17.83
C GLY B 268 -13.54 -18.82 -17.68
N ARG B 269 -12.73 -18.39 -18.65
CA ARG B 269 -12.18 -17.06 -18.66
C ARG B 269 -12.75 -16.28 -19.83
N PHE B 270 -13.35 -15.13 -19.48
CA PHE B 270 -13.94 -14.19 -20.44
C PHE B 270 -14.33 -12.93 -19.66
N LYS B 271 -15.08 -12.01 -20.28
CA LYS B 271 -15.40 -10.73 -19.64
C LYS B 271 -16.75 -10.94 -18.96
N HIS B 272 -16.68 -11.56 -17.77
CA HIS B 272 -17.86 -11.99 -17.04
C HIS B 272 -18.63 -10.82 -16.53
N GLU B 273 -19.93 -10.82 -16.80
CA GLU B 273 -20.84 -9.81 -16.26
C GLU B 273 -21.36 -10.27 -14.87
N ASN B 274 -22.26 -11.26 -14.86
CA ASN B 274 -22.73 -11.83 -13.57
C ASN B 274 -22.77 -13.36 -13.66
N ALA B 275 -23.25 -13.96 -12.58
CA ALA B 275 -23.30 -15.42 -12.42
C ALA B 275 -24.64 -15.78 -11.82
N ALA B 276 -25.51 -16.39 -12.60
CA ALA B 276 -26.87 -16.72 -12.18
C ALA B 276 -26.98 -18.18 -11.79
N LEU B 277 -27.35 -18.41 -10.54
CA LEU B 277 -27.41 -19.78 -10.01
C LEU B 277 -28.76 -20.45 -10.25
N ALA B 278 -28.69 -21.72 -10.60
CA ALA B 278 -29.86 -22.60 -10.69
C ALA B 278 -29.41 -23.98 -10.28
N GLU B 279 -30.28 -24.98 -10.45
CA GLU B 279 -29.96 -26.34 -10.05
C GLU B 279 -30.66 -27.32 -11.01
N THR B 280 -29.96 -28.38 -11.39
CA THR B 280 -30.58 -29.43 -12.21
C THR B 280 -31.61 -30.22 -11.38
N ASP B 281 -32.50 -30.93 -12.04
CA ASP B 281 -33.48 -31.75 -11.33
C ASP B 281 -32.78 -32.77 -10.42
N ASP B 282 -31.63 -33.30 -10.85
CA ASP B 282 -30.87 -34.23 -10.00
C ASP B 282 -29.95 -33.58 -8.97
N GLY B 283 -29.97 -32.25 -8.90
CA GLY B 283 -29.33 -31.56 -7.77
C GLY B 283 -27.99 -30.90 -7.98
N ARG B 284 -27.49 -30.91 -9.20
CA ARG B 284 -26.21 -30.27 -9.52
C ARG B 284 -26.37 -28.76 -9.67
N ALA B 285 -25.35 -28.01 -9.27
CA ALA B 285 -25.36 -26.54 -9.43
C ALA B 285 -25.25 -26.17 -10.91
N VAL B 286 -25.97 -25.11 -11.29
CA VAL B 286 -25.91 -24.55 -12.62
C VAL B 286 -25.58 -23.06 -12.47
N VAL B 287 -24.64 -22.57 -13.28
CA VAL B 287 -24.28 -21.15 -13.28
C VAL B 287 -24.37 -20.66 -14.72
N TYR B 288 -25.33 -19.77 -15.00
CA TYR B 288 -25.44 -19.12 -16.30
C TYR B 288 -24.61 -17.82 -16.28
N MET B 289 -23.87 -17.56 -17.36
CA MET B 289 -22.89 -16.48 -17.41
C MET B 289 -22.84 -15.80 -18.77
N GLY B 290 -22.90 -14.47 -18.78
CA GLY B 290 -22.72 -13.70 -20.00
C GLY B 290 -21.29 -13.17 -20.14
N ASP B 291 -20.81 -13.11 -21.38
CA ASP B 291 -19.56 -12.48 -21.75
C ASP B 291 -19.90 -11.15 -22.43
N ASP B 292 -19.70 -10.03 -21.73
CA ASP B 292 -20.14 -8.75 -22.29
C ASP B 292 -19.11 -8.17 -23.25
N GLU B 293 -19.32 -8.46 -24.53
CA GLU B 293 -18.62 -7.77 -25.59
C GLU B 293 -19.46 -8.00 -26.85
N ARG B 294 -19.48 -7.02 -27.75
CA ARG B 294 -20.24 -7.16 -28.97
C ARG B 294 -19.83 -8.42 -29.69
N GLY B 295 -20.81 -9.26 -29.96
CA GLY B 295 -20.56 -10.48 -30.75
C GLY B 295 -20.04 -11.66 -29.96
N GLU B 296 -20.07 -11.60 -28.61
CA GLU B 296 -19.63 -12.72 -27.78
C GLU B 296 -20.81 -13.52 -27.25
N PHE B 297 -20.55 -14.44 -26.33
CA PHE B 297 -21.44 -15.56 -26.10
C PHE B 297 -22.04 -15.63 -24.69
N ILE B 298 -23.01 -16.53 -24.56
CA ILE B 298 -23.64 -16.90 -23.30
C ILE B 298 -23.24 -18.33 -22.92
N TYR B 299 -22.84 -18.51 -21.67
CA TYR B 299 -22.25 -19.76 -21.18
C TYR B 299 -23.09 -20.34 -20.02
N LYS B 300 -22.82 -21.61 -19.76
CA LYS B 300 -23.48 -22.35 -18.71
C LYS B 300 -22.53 -23.36 -18.11
N PHE B 301 -22.35 -23.32 -16.78
CA PHE B 301 -21.56 -24.29 -16.07
C PHE B 301 -22.48 -25.18 -15.28
N VAL B 302 -22.22 -26.50 -15.33
CA VAL B 302 -22.98 -27.47 -14.54
C VAL B 302 -21.98 -28.26 -13.70
N SER B 303 -22.14 -28.22 -12.39
CA SER B 303 -21.19 -28.91 -11.50
C SER B 303 -21.24 -30.44 -11.68
N ARG B 304 -20.13 -31.08 -11.33
CA ARG B 304 -20.08 -32.54 -11.30
C ARG B 304 -20.91 -33.11 -10.15
N ASP B 305 -20.77 -32.53 -8.98
CA ASP B 305 -21.38 -33.07 -7.78
C ASP B 305 -22.68 -32.33 -7.43
N LYS B 306 -23.51 -32.98 -6.63
CA LYS B 306 -24.78 -32.43 -6.19
C LYS B 306 -24.57 -31.45 -5.05
N ILE B 307 -25.36 -30.40 -5.06
CA ILE B 307 -25.37 -29.44 -3.96
C ILE B 307 -25.86 -30.14 -2.69
N ASN B 308 -25.14 -29.98 -1.59
CA ASN B 308 -25.63 -30.37 -0.28
C ASN B 308 -26.31 -29.18 0.35
N HIS B 309 -27.64 -29.22 0.41
CA HIS B 309 -28.42 -28.06 0.86
C HIS B 309 -28.42 -27.82 2.35
N ARG B 310 -27.91 -28.78 3.14
CA ARG B 310 -27.91 -28.65 4.58
C ARG B 310 -26.53 -28.61 5.22
N ASN B 311 -25.50 -28.84 4.41
CA ASN B 311 -24.13 -28.78 4.87
C ASN B 311 -23.37 -27.85 3.91
N ALA B 312 -23.38 -26.57 4.23
CA ALA B 312 -22.75 -25.56 3.37
C ALA B 312 -21.32 -25.91 3.04
N LYS B 313 -20.54 -26.27 4.06
CA LYS B 313 -19.11 -26.50 3.85
C LYS B 313 -18.80 -27.71 2.98
N ALA B 314 -19.73 -28.67 2.85
CA ALA B 314 -19.52 -29.80 1.94
C ALA B 314 -19.45 -29.36 0.49
N ASN B 315 -19.90 -28.15 0.20
CA ASN B 315 -19.85 -27.58 -1.14
C ASN B 315 -18.63 -26.71 -1.39
N ARG B 316 -17.66 -26.75 -0.50
CA ARG B 316 -16.52 -25.82 -0.54
C ARG B 316 -15.96 -25.66 -1.96
N ASP B 317 -15.72 -26.77 -2.65
CA ASP B 317 -15.09 -26.73 -3.96
C ASP B 317 -15.98 -27.34 -5.05
N ILE B 318 -17.29 -27.21 -4.89
CA ILE B 318 -18.23 -27.68 -5.90
C ILE B 318 -18.01 -27.02 -7.27
N LEU B 319 -17.56 -25.76 -7.25
CA LEU B 319 -17.30 -25.02 -8.48
C LEU B 319 -15.95 -25.34 -9.14
N ASP B 320 -15.21 -26.34 -8.61
CA ASP B 320 -13.95 -26.79 -9.22
C ASP B 320 -14.08 -27.96 -10.21
N HIS B 321 -15.24 -28.59 -10.26
CA HIS B 321 -15.46 -29.79 -11.07
C HIS B 321 -16.80 -29.68 -11.76
N GLY B 322 -16.81 -29.91 -13.07
CA GLY B 322 -18.05 -29.88 -13.84
C GLY B 322 -17.78 -29.73 -15.31
N THR B 323 -18.76 -29.16 -16.02
CA THR B 323 -18.73 -29.03 -17.46
C THR B 323 -19.18 -27.64 -17.85
N LEU B 324 -18.46 -27.07 -18.80
CA LEU B 324 -18.81 -25.74 -19.32
C LEU B 324 -19.42 -25.88 -20.70
N TYR B 325 -20.54 -25.17 -20.92
CA TYR B 325 -21.24 -25.16 -22.20
C TYR B 325 -21.38 -23.74 -22.69
N VAL B 326 -21.72 -23.60 -23.98
CA VAL B 326 -22.00 -22.30 -24.57
C VAL B 326 -23.23 -22.42 -25.47
N ALA B 327 -23.97 -21.33 -25.62
CA ALA B 327 -25.27 -21.33 -26.33
C ALA B 327 -25.16 -21.10 -27.83
N ARG B 328 -26.01 -21.82 -28.55
CA ARG B 328 -26.37 -21.53 -29.93
C ARG B 328 -27.86 -21.30 -29.94
N PHE B 329 -28.31 -20.29 -30.70
CA PHE B 329 -29.72 -19.96 -30.85
C PHE B 329 -30.08 -20.09 -32.31
N ASP B 330 -31.22 -20.71 -32.60
CA ASP B 330 -31.69 -20.79 -33.97
C ASP B 330 -32.29 -19.45 -34.45
N ALA B 331 -32.68 -19.40 -35.71
CA ALA B 331 -33.19 -18.21 -36.38
C ALA B 331 -34.52 -17.75 -35.84
N GLY B 332 -35.25 -18.65 -35.17
CA GLY B 332 -36.56 -18.34 -34.65
C GLY B 332 -37.58 -18.18 -35.76
N ASP B 333 -38.73 -17.63 -35.39
CA ASP B 333 -39.87 -17.54 -36.31
C ASP B 333 -39.96 -16.24 -37.10
N GLY B 334 -39.10 -15.27 -36.78
CA GLY B 334 -39.06 -14.02 -37.52
C GLY B 334 -40.15 -13.05 -37.15
N ASN B 335 -40.92 -13.35 -36.10
CA ASN B 335 -41.96 -12.44 -35.67
C ASN B 335 -41.32 -11.10 -35.28
N PRO B 336 -41.77 -9.97 -35.88
CA PRO B 336 -41.10 -8.73 -35.51
C PRO B 336 -41.34 -8.27 -34.05
N ASP B 337 -42.53 -8.54 -33.50
CA ASP B 337 -42.87 -8.09 -32.14
C ASP B 337 -42.36 -9.00 -31.03
N HIS B 338 -42.44 -10.30 -31.24
CA HIS B 338 -42.20 -11.27 -30.18
C HIS B 338 -41.59 -12.50 -30.79
N PRO B 339 -40.35 -12.40 -31.30
CA PRO B 339 -39.72 -13.56 -31.87
C PRO B 339 -39.47 -14.68 -30.86
N LYS B 340 -39.59 -15.92 -31.34
N LYS B 340 -39.59 -15.92 -31.31
CA LYS B 340 -39.45 -17.14 -30.54
CA LYS B 340 -39.37 -17.10 -30.48
C LYS B 340 -38.67 -18.17 -31.36
C LYS B 340 -38.75 -18.22 -31.32
N GLY B 341 -37.92 -19.02 -30.67
CA GLY B 341 -37.24 -20.12 -31.32
C GLY B 341 -36.74 -21.15 -30.33
N GLN B 342 -35.81 -21.97 -30.80
CA GLN B 342 -35.16 -23.00 -29.99
C GLN B 342 -33.67 -22.67 -29.93
N GLY B 343 -33.02 -23.20 -28.91
CA GLY B 343 -31.56 -23.16 -28.82
C GLY B 343 -30.99 -24.37 -28.10
N GLN B 344 -29.68 -24.38 -27.97
CA GLN B 344 -28.97 -25.53 -27.39
C GLN B 344 -27.69 -25.12 -26.69
N TRP B 345 -27.25 -25.97 -25.78
CA TRP B 345 -25.99 -25.83 -25.07
C TRP B 345 -24.99 -26.79 -25.68
N ILE B 346 -23.79 -26.31 -25.96
CA ILE B 346 -22.74 -27.09 -26.64
C ILE B 346 -21.52 -27.16 -25.71
N GLU B 347 -21.00 -28.37 -25.50
CA GLU B 347 -19.95 -28.61 -24.49
C GLU B 347 -18.57 -28.12 -24.90
N LEU B 348 -17.92 -27.41 -24.00
CA LEU B 348 -16.57 -26.92 -24.17
C LEU B 348 -15.59 -27.81 -23.39
N THR B 349 -15.33 -28.99 -23.98
CA THR B 349 -14.41 -29.96 -23.38
C THR B 349 -13.39 -30.38 -24.43
N HIS B 350 -12.12 -30.41 -24.03
CA HIS B 350 -11.05 -30.86 -24.89
C HIS B 350 -11.35 -32.25 -25.42
N GLY B 351 -11.27 -32.39 -26.75
CA GLY B 351 -11.54 -33.68 -27.40
C GLY B 351 -12.98 -33.87 -27.81
N LYS B 352 -13.80 -32.82 -27.65
CA LYS B 352 -15.19 -32.82 -28.12
C LYS B 352 -15.46 -31.63 -29.04
N ASN B 353 -16.40 -31.83 -29.96
CA ASN B 353 -16.98 -30.73 -30.74
C ASN B 353 -15.94 -29.92 -31.53
N GLY B 354 -14.86 -30.59 -31.96
CA GLY B 354 -13.83 -29.97 -32.77
C GLY B 354 -12.70 -29.31 -31.98
N ILE B 355 -12.79 -29.35 -30.65
CA ILE B 355 -11.77 -28.76 -29.80
C ILE B 355 -10.65 -29.77 -29.57
N ASP B 356 -9.45 -29.45 -30.03
CA ASP B 356 -8.30 -30.36 -29.95
C ASP B 356 -7.03 -29.63 -30.35
N ALA B 357 -5.90 -30.35 -30.43
CA ALA B 357 -4.63 -29.71 -30.78
C ALA B 357 -4.69 -29.03 -32.14
N SER B 358 -5.39 -29.63 -33.10
CA SER B 358 -5.48 -29.06 -34.45
C SER B 358 -6.18 -27.70 -34.46
N SER B 359 -7.14 -27.49 -33.56
CA SER B 359 -7.82 -26.20 -33.45
C SER B 359 -7.20 -25.27 -32.40
N GLY B 360 -6.07 -25.69 -31.82
CA GLY B 360 -5.22 -24.85 -30.97
C GLY B 360 -5.30 -25.09 -29.46
N PHE B 361 -5.81 -26.25 -29.04
CA PHE B 361 -6.00 -26.55 -27.61
C PHE B 361 -5.29 -27.82 -27.22
N ALA B 362 -4.30 -27.69 -26.34
CA ALA B 362 -3.49 -28.83 -25.90
C ALA B 362 -4.15 -29.66 -24.82
N ASP B 363 -4.98 -29.01 -24.01
CA ASP B 363 -5.56 -29.63 -22.83
C ASP B 363 -6.79 -28.82 -22.36
N GLN B 364 -7.46 -29.29 -21.32
CA GLN B 364 -8.68 -28.63 -20.85
C GLN B 364 -8.38 -27.29 -20.22
N ALA B 365 -7.25 -27.14 -19.53
CA ALA B 365 -6.87 -25.83 -18.99
C ALA B 365 -6.88 -24.77 -20.09
N GLU B 366 -6.34 -25.07 -21.26
CA GLU B 366 -6.31 -24.10 -22.37
C GLU B 366 -7.69 -23.79 -22.90
N VAL B 367 -8.58 -24.77 -22.89
CA VAL B 367 -9.95 -24.56 -23.27
C VAL B 367 -10.59 -23.53 -22.34
N LEU B 368 -10.34 -23.63 -21.04
CA LEU B 368 -10.96 -22.71 -20.09
C LEU B 368 -10.35 -21.31 -20.17
N ILE B 369 -9.02 -21.24 -20.25
CA ILE B 369 -8.29 -19.97 -20.30
C ILE B 369 -8.67 -19.23 -21.58
N HIS B 370 -8.89 -19.97 -22.65
CA HIS B 370 -9.26 -19.43 -23.95
C HIS B 370 -10.65 -19.83 -24.35
N ALA B 371 -11.58 -19.74 -23.40
CA ALA B 371 -12.94 -20.15 -23.62
C ALA B 371 -13.58 -19.51 -24.87
N ARG B 372 -13.30 -18.22 -25.11
CA ARG B 372 -13.85 -17.56 -26.27
C ARG B 372 -13.54 -18.29 -27.58
N LEU B 373 -12.26 -18.66 -27.71
CA LEU B 373 -11.79 -19.34 -28.91
CA LEU B 373 -11.78 -19.35 -28.90
C LEU B 373 -12.42 -20.74 -29.03
N ALA B 374 -12.58 -21.44 -27.90
CA ALA B 374 -13.18 -22.77 -27.93
C ALA B 374 -14.65 -22.66 -28.34
N ALA B 375 -15.32 -21.63 -27.83
CA ALA B 375 -16.73 -21.44 -28.15
C ALA B 375 -16.93 -21.12 -29.64
N SER B 376 -16.01 -20.37 -30.23
CA SER B 376 -16.07 -20.16 -31.67
C SER B 376 -15.91 -21.46 -32.45
N VAL B 377 -14.97 -22.31 -32.04
CA VAL B 377 -14.80 -23.63 -32.69
C VAL B 377 -16.10 -24.43 -32.73
N VAL B 378 -16.86 -24.45 -31.63
CA VAL B 378 -18.06 -25.26 -31.55
C VAL B 378 -19.29 -24.56 -32.17
N GLY B 379 -19.15 -23.31 -32.60
CA GLY B 379 -20.24 -22.62 -33.29
C GLY B 379 -21.29 -21.96 -32.41
N ALA B 380 -20.84 -21.36 -31.31
CA ALA B 380 -21.72 -20.54 -30.47
C ALA B 380 -22.30 -19.37 -31.29
N THR B 381 -23.49 -18.90 -30.92
CA THR B 381 -24.11 -17.75 -31.58
C THR B 381 -23.58 -16.43 -31.00
N ARG B 382 -23.02 -15.57 -31.86
CA ARG B 382 -22.54 -14.26 -31.45
C ARG B 382 -23.74 -13.39 -31.04
N MET B 383 -23.67 -12.77 -29.85
CA MET B 383 -24.79 -12.06 -29.27
C MET B 383 -24.55 -10.55 -29.09
N ASP B 384 -25.65 -9.81 -28.96
CA ASP B 384 -25.61 -8.36 -28.71
C ASP B 384 -25.31 -8.04 -27.24
N ARG B 385 -24.07 -8.29 -26.82
CA ARG B 385 -23.60 -7.86 -25.49
C ARG B 385 -24.42 -8.40 -24.33
N PRO B 386 -24.31 -9.71 -24.08
CA PRO B 386 -24.91 -10.26 -22.87
C PRO B 386 -24.43 -9.54 -21.62
N GLU B 387 -25.36 -9.03 -20.80
CA GLU B 387 -24.99 -8.49 -19.50
C GLU B 387 -25.63 -9.41 -18.43
N TRP B 388 -26.50 -8.92 -17.57
CA TRP B 388 -26.95 -9.72 -16.43
C TRP B 388 -27.94 -10.80 -16.83
N ILE B 389 -27.84 -11.92 -16.12
CA ILE B 389 -28.76 -13.05 -16.23
C ILE B 389 -29.40 -13.29 -14.86
N VAL B 390 -30.70 -13.58 -14.86
CA VAL B 390 -31.41 -13.95 -13.63
C VAL B 390 -32.34 -15.13 -13.94
N VAL B 391 -32.62 -15.90 -12.90
CA VAL B 391 -33.50 -17.08 -12.97
C VAL B 391 -34.72 -16.81 -12.10
N SER B 392 -35.92 -16.94 -12.67
CA SER B 392 -37.11 -16.69 -11.90
C SER B 392 -37.24 -17.65 -10.71
N PRO B 393 -37.47 -17.11 -9.51
CA PRO B 393 -37.70 -17.99 -8.37
C PRO B 393 -39.08 -18.66 -8.40
N LYS B 394 -39.96 -18.19 -9.29
CA LYS B 394 -41.32 -18.71 -9.41
C LYS B 394 -41.44 -19.85 -10.41
N ASP B 395 -40.77 -19.76 -11.56
CA ASP B 395 -40.89 -20.79 -12.60
C ASP B 395 -39.62 -21.21 -13.31
N GLY B 396 -38.47 -20.66 -12.89
CA GLY B 396 -37.19 -21.12 -13.38
C GLY B 396 -36.80 -20.62 -14.75
N GLN B 397 -37.62 -19.79 -15.38
N GLN B 397 -37.63 -19.80 -15.39
CA GLN B 397 -37.25 -19.21 -16.68
CA GLN B 397 -37.22 -19.25 -16.70
C GLN B 397 -36.06 -18.28 -16.46
C GLN B 397 -36.11 -18.24 -16.50
N VAL B 398 -35.24 -18.17 -17.51
CA VAL B 398 -33.97 -17.44 -17.44
C VAL B 398 -34.07 -16.20 -18.32
N TYR B 399 -33.60 -15.06 -17.80
CA TYR B 399 -33.66 -13.74 -18.44
C TYR B 399 -32.24 -13.18 -18.56
N CYS B 400 -31.93 -12.61 -19.73
CA CYS B 400 -30.59 -12.08 -20.01
C CYS B 400 -30.71 -10.79 -20.79
N THR B 401 -30.09 -9.71 -20.30
CA THR B 401 -30.06 -8.49 -21.08
C THR B 401 -29.02 -8.62 -22.20
N LEU B 402 -29.39 -8.06 -23.34
CA LEU B 402 -28.52 -7.93 -24.49
C LEU B 402 -28.50 -6.43 -24.73
N THR B 403 -27.50 -5.75 -24.20
CA THR B 403 -27.69 -4.32 -23.90
C THR B 403 -27.77 -3.43 -25.14
N ASN B 404 -26.99 -3.76 -26.14
CA ASN B 404 -26.96 -3.10 -27.44
C ASN B 404 -25.87 -3.75 -28.29
N ASN B 405 -25.79 -3.40 -29.58
CA ASN B 405 -24.69 -3.81 -30.43
C ASN B 405 -24.71 -2.99 -31.70
N ALA B 406 -23.95 -1.90 -31.65
CA ALA B 406 -23.83 -0.99 -32.80
C ALA B 406 -23.30 -1.65 -34.07
N LYS B 407 -22.61 -2.79 -33.92
CA LYS B 407 -21.96 -3.50 -35.02
CA LYS B 407 -21.98 -3.46 -35.06
C LYS B 407 -22.80 -4.66 -35.57
N ARG B 408 -23.99 -4.89 -35.01
CA ARG B 408 -24.87 -5.93 -35.57
C ARG B 408 -25.14 -5.59 -37.04
N GLY B 409 -24.95 -6.56 -37.91
CA GLY B 409 -25.09 -6.36 -39.35
C GLY B 409 -23.77 -6.36 -40.10
N GLU B 410 -22.66 -6.09 -39.41
CA GLU B 410 -21.37 -6.11 -40.07
CA GLU B 410 -21.31 -6.13 -39.99
C GLU B 410 -20.98 -7.56 -40.35
N ASP B 411 -19.99 -7.75 -41.23
CA ASP B 411 -19.58 -9.09 -41.63
C ASP B 411 -19.22 -9.90 -40.39
N GLY B 412 -19.81 -11.08 -40.27
CA GLY B 412 -19.60 -11.96 -39.11
C GLY B 412 -20.66 -11.83 -38.03
N GLN B 413 -21.49 -10.79 -38.09
CA GLN B 413 -22.56 -10.56 -37.11
C GLN B 413 -23.90 -10.36 -37.81
N PRO B 414 -24.41 -11.42 -38.44
CA PRO B 414 -25.65 -11.27 -39.21
C PRO B 414 -26.87 -11.00 -38.32
N VAL B 415 -27.85 -10.27 -38.87
CA VAL B 415 -29.11 -10.01 -38.18
C VAL B 415 -29.95 -11.29 -38.19
N GLY B 416 -30.51 -11.66 -37.05
CA GLY B 416 -31.40 -12.80 -36.97
C GLY B 416 -31.66 -13.26 -35.56
N GLY B 417 -32.73 -14.04 -35.39
CA GLY B 417 -33.04 -14.69 -34.12
C GLY B 417 -33.19 -13.71 -32.97
N PRO B 418 -32.43 -13.92 -31.87
CA PRO B 418 -32.51 -13.03 -30.71
C PRO B 418 -31.72 -11.71 -30.84
N ASN B 419 -31.10 -11.47 -32.00
CA ASN B 419 -30.43 -10.22 -32.37
C ASN B 419 -31.04 -9.66 -33.68
N PRO B 420 -32.27 -9.10 -33.59
CA PRO B 420 -33.09 -8.86 -34.79
C PRO B 420 -32.88 -7.53 -35.52
N ARG B 421 -31.96 -6.68 -35.05
CA ARG B 421 -31.80 -5.33 -35.61
C ARG B 421 -30.35 -5.00 -35.88
N GLU B 422 -30.06 -4.54 -37.10
CA GLU B 422 -28.74 -3.98 -37.42
C GLU B 422 -28.51 -2.73 -36.58
N LYS B 423 -27.25 -2.43 -36.29
CA LYS B 423 -26.89 -1.15 -35.66
C LYS B 423 -27.79 -0.88 -34.46
N ASN B 424 -27.78 -1.84 -33.53
CA ASN B 424 -28.71 -1.87 -32.40
C ASN B 424 -28.27 -0.96 -31.27
N VAL B 425 -28.96 0.17 -31.10
CA VAL B 425 -28.56 1.14 -30.06
C VAL B 425 -29.41 1.03 -28.79
N TYR B 426 -30.43 0.16 -28.80
CA TYR B 426 -31.41 0.14 -27.71
C TYR B 426 -31.36 -1.11 -26.82
N GLY B 427 -31.07 -2.27 -27.43
CA GLY B 427 -31.02 -3.53 -26.69
C GLY B 427 -32.35 -4.24 -26.58
N GLN B 428 -32.30 -5.37 -25.90
CA GLN B 428 -33.43 -6.27 -25.78
C GLN B 428 -33.21 -7.18 -24.58
N ILE B 429 -34.25 -7.84 -24.09
CA ILE B 429 -34.12 -8.81 -23.01
C ILE B 429 -34.55 -10.16 -23.56
N LEU B 430 -33.61 -11.10 -23.53
CA LEU B 430 -33.79 -12.46 -23.99
C LEU B 430 -34.30 -13.33 -22.83
N ARG B 431 -35.21 -14.24 -23.12
CA ARG B 431 -35.64 -15.24 -22.13
C ARG B 431 -35.51 -16.64 -22.71
N TRP B 432 -35.16 -17.61 -21.87
CA TRP B 432 -35.31 -18.99 -22.25
C TRP B 432 -35.90 -19.85 -21.17
N ARG B 433 -36.57 -20.91 -21.62
CA ARG B 433 -37.17 -21.92 -20.74
C ARG B 433 -36.52 -23.25 -21.06
N THR B 434 -35.77 -23.75 -20.11
CA THR B 434 -35.05 -24.99 -20.28
C THR B 434 -36.07 -26.14 -20.51
N ASP B 435 -35.77 -27.06 -21.42
CA ASP B 435 -36.74 -28.11 -21.74
C ASP B 435 -37.11 -28.91 -20.50
N ARG B 436 -38.42 -29.20 -20.39
CA ARG B 436 -38.97 -29.95 -19.26
CA ARG B 436 -38.98 -29.95 -19.26
C ARG B 436 -38.77 -29.23 -17.93
N ASP B 437 -38.40 -27.97 -17.98
CA ASP B 437 -38.08 -27.19 -16.79
C ASP B 437 -36.93 -27.79 -15.97
N ASP B 438 -36.09 -28.60 -16.61
CA ASP B 438 -34.91 -29.17 -15.98
C ASP B 438 -33.69 -28.39 -16.52
N HIS B 439 -32.97 -27.74 -15.62
CA HIS B 439 -31.76 -27.01 -16.02
C HIS B 439 -30.62 -27.90 -16.50
N ALA B 440 -30.74 -29.23 -16.40
CA ALA B 440 -29.79 -30.15 -17.03
C ALA B 440 -29.99 -30.26 -18.54
N SER B 441 -31.17 -29.85 -19.03
CA SER B 441 -31.50 -30.02 -20.43
C SER B 441 -30.48 -29.28 -21.32
N LYS B 442 -30.19 -29.88 -22.46
CA LYS B 442 -29.26 -29.30 -23.40
C LYS B 442 -29.98 -28.46 -24.45
N THR B 443 -31.31 -28.42 -24.41
CA THR B 443 -32.08 -27.57 -25.29
C THR B 443 -33.06 -26.70 -24.51
N PHE B 444 -33.47 -25.62 -25.16
CA PHE B 444 -34.42 -24.68 -24.57
C PHE B 444 -35.22 -23.96 -25.65
N ALA B 445 -36.32 -23.35 -25.21
CA ALA B 445 -37.15 -22.47 -26.03
C ALA B 445 -36.78 -21.04 -25.63
N TRP B 446 -36.50 -20.17 -26.60
CA TRP B 446 -36.23 -18.76 -26.30
C TRP B 446 -37.24 -17.84 -26.90
N ASP B 447 -37.33 -16.64 -26.33
CA ASP B 447 -38.15 -15.56 -26.87
C ASP B 447 -37.55 -14.24 -26.42
N LEU B 448 -37.88 -13.16 -27.14
CA LEU B 448 -37.47 -11.84 -26.68
C LEU B 448 -38.57 -11.27 -25.81
N PHE B 449 -38.35 -11.24 -24.50
CA PHE B 449 -39.29 -10.70 -23.55
C PHE B 449 -39.60 -9.24 -23.82
N VAL B 450 -38.60 -8.48 -24.24
CA VAL B 450 -38.84 -7.11 -24.68
C VAL B 450 -37.75 -6.74 -25.68
N VAL B 451 -38.12 -5.93 -26.66
CA VAL B 451 -37.15 -5.31 -27.58
C VAL B 451 -37.21 -3.81 -27.28
N ALA B 452 -36.18 -3.26 -26.66
CA ALA B 452 -36.23 -1.84 -26.28
C ALA B 452 -36.24 -0.97 -27.54
N GLY B 453 -36.82 0.22 -27.43
CA GLY B 453 -36.83 1.13 -28.57
C GLY B 453 -37.41 2.47 -28.17
N ASN B 454 -37.53 3.35 -29.15
CA ASN B 454 -38.08 4.69 -28.93
C ASN B 454 -39.26 4.90 -29.87
N PRO B 455 -40.47 4.54 -29.42
CA PRO B 455 -41.62 4.66 -30.31
C PRO B 455 -41.98 6.12 -30.63
N SER B 456 -41.49 7.06 -29.83
CA SER B 456 -41.74 8.49 -30.10
C SER B 456 -40.92 8.99 -31.27
N VAL B 457 -39.67 8.55 -31.35
CA VAL B 457 -38.74 8.99 -32.40
C VAL B 457 -38.90 8.12 -33.64
N HIS B 458 -39.23 6.83 -33.45
CA HIS B 458 -39.19 5.83 -34.52
C HIS B 458 -40.45 5.00 -34.60
N ALA B 459 -41.59 5.66 -34.54
CA ALA B 459 -42.86 4.95 -34.52
C ALA B 459 -43.05 4.01 -35.71
N GLY B 460 -43.50 2.79 -35.43
CA GLY B 460 -43.88 1.86 -36.48
C GLY B 460 -42.75 1.19 -37.23
N THR B 461 -41.54 1.28 -36.67
CA THR B 461 -40.34 0.64 -37.21
C THR B 461 -39.70 -0.22 -36.13
N PRO B 462 -38.76 -1.06 -36.54
CA PRO B 462 -38.07 -1.85 -35.52
C PRO B 462 -37.40 -1.03 -34.41
N LYS B 463 -36.91 0.17 -34.71
CA LYS B 463 -36.30 1.03 -33.69
CA LYS B 463 -36.28 0.99 -33.67
C LYS B 463 -37.32 1.54 -32.68
N GLY B 464 -38.62 1.40 -32.98
CA GLY B 464 -39.63 1.75 -32.01
C GLY B 464 -39.86 0.72 -30.88
N GLY B 465 -39.25 -0.45 -31.01
CA GLY B 465 -39.34 -1.51 -29.99
C GLY B 465 -40.56 -2.39 -30.10
N SER B 466 -40.66 -3.35 -29.17
CA SER B 466 -41.79 -4.27 -29.14
C SER B 466 -43.01 -3.58 -28.50
N SER B 467 -44.18 -4.23 -28.60
CA SER B 467 -45.42 -3.56 -28.25
CA SER B 467 -45.45 -3.61 -28.23
C SER B 467 -45.61 -3.37 -26.75
N ASN B 468 -44.79 -4.02 -25.92
CA ASN B 468 -44.79 -3.74 -24.48
C ASN B 468 -43.91 -2.52 -24.09
N ILE B 469 -43.24 -1.93 -25.09
CA ILE B 469 -42.60 -0.62 -24.97
C ILE B 469 -43.61 0.41 -25.48
N THR B 470 -43.82 1.45 -24.67
CA THR B 470 -44.71 2.53 -25.01
C THR B 470 -43.97 3.84 -24.87
N PRO B 471 -44.58 4.92 -25.39
CA PRO B 471 -43.99 6.21 -25.13
C PRO B 471 -43.83 6.54 -23.64
N GLN B 472 -44.58 5.85 -22.78
CA GLN B 472 -44.63 6.13 -21.36
C GLN B 472 -43.65 5.32 -20.49
N ASN B 473 -43.06 4.26 -21.01
CA ASN B 473 -42.10 3.45 -20.25
C ASN B 473 -40.75 3.28 -20.94
N MET B 474 -40.55 3.97 -22.06
CA MET B 474 -39.39 3.68 -22.89
C MET B 474 -38.03 3.96 -22.21
N PHE B 475 -37.06 3.13 -22.56
CA PHE B 475 -35.72 3.11 -21.94
C PHE B 475 -34.72 2.54 -22.93
N ASN B 476 -33.42 2.65 -22.66
CA ASN B 476 -32.44 2.04 -23.56
C ASN B 476 -31.34 1.37 -22.76
N SER B 477 -30.76 0.35 -23.37
CA SER B 477 -29.59 -0.35 -22.83
C SER B 477 -29.86 -0.96 -21.46
N PRO B 478 -30.84 -1.86 -21.37
CA PRO B 478 -31.00 -2.62 -20.13
C PRO B 478 -29.71 -3.39 -19.84
N ASP B 479 -29.38 -3.51 -18.57
CA ASP B 479 -28.09 -4.04 -18.14
C ASP B 479 -28.36 -4.91 -16.93
N GLY B 480 -28.57 -4.31 -15.76
CA GLY B 480 -28.84 -5.07 -14.55
C GLY B 480 -30.23 -5.65 -14.49
N LEU B 481 -30.38 -6.79 -13.80
CA LEU B 481 -31.69 -7.42 -13.59
C LEU B 481 -31.71 -7.99 -12.21
N GLY B 482 -32.88 -8.01 -11.58
CA GLY B 482 -33.05 -8.73 -10.34
C GLY B 482 -34.50 -9.12 -10.12
N PHE B 483 -34.71 -10.34 -9.60
CA PHE B 483 -36.01 -10.79 -9.10
C PHE B 483 -36.14 -10.55 -7.63
N ASP B 484 -37.34 -10.15 -7.21
CA ASP B 484 -37.66 -10.20 -5.79
C ASP B 484 -38.44 -11.49 -5.49
N LYS B 485 -38.76 -11.67 -4.21
CA LYS B 485 -39.44 -12.92 -3.78
C LYS B 485 -40.82 -13.07 -4.41
N ALA B 486 -41.51 -11.95 -4.64
CA ALA B 486 -42.83 -11.97 -5.26
C ALA B 486 -42.79 -12.33 -6.74
N GLY B 487 -41.62 -12.23 -7.36
CA GLY B 487 -41.47 -12.52 -8.77
C GLY B 487 -41.56 -11.29 -9.66
N ARG B 488 -41.46 -10.08 -9.08
CA ARG B 488 -41.24 -8.88 -9.93
C ARG B 488 -39.83 -8.94 -10.52
N LEU B 489 -39.71 -8.56 -11.79
CA LEU B 489 -38.41 -8.46 -12.48
C LEU B 489 -38.03 -6.98 -12.58
N TRP B 490 -36.96 -6.63 -11.90
CA TRP B 490 -36.44 -5.29 -11.86
C TRP B 490 -35.37 -5.15 -12.92
N ILE B 491 -35.49 -4.10 -13.72
CA ILE B 491 -34.65 -3.86 -14.91
C ILE B 491 -33.90 -2.53 -14.69
N LEU B 492 -32.57 -2.57 -14.77
CA LEU B 492 -31.72 -1.40 -14.50
C LEU B 492 -31.04 -1.02 -15.79
N THR B 493 -30.94 0.29 -16.07
CA THR B 493 -30.34 0.71 -17.34
C THR B 493 -28.96 1.37 -17.23
N ASP B 494 -28.20 1.17 -18.30
CA ASP B 494 -26.89 1.78 -18.50
C ASP B 494 -26.76 2.18 -19.95
N GLY B 495 -27.49 3.23 -20.29
CA GLY B 495 -27.67 3.67 -21.64
C GLY B 495 -27.18 5.09 -21.89
N ASP B 496 -27.59 5.58 -23.06
CA ASP B 496 -27.24 6.90 -23.51
C ASP B 496 -28.22 7.86 -22.84
N SER B 497 -27.69 8.78 -22.03
CA SER B 497 -28.51 9.71 -21.26
CA SER B 497 -28.52 9.70 -21.26
C SER B 497 -28.57 11.11 -21.91
N SER B 498 -28.25 11.17 -23.21
CA SER B 498 -28.29 12.47 -23.95
C SER B 498 -29.69 13.11 -24.01
N ASN B 499 -30.74 12.30 -23.87
CA ASN B 499 -32.11 12.78 -23.95
C ASN B 499 -32.36 13.47 -25.30
N ALA B 500 -31.66 13.00 -26.34
CA ALA B 500 -31.71 13.61 -27.68
C ALA B 500 -31.50 12.57 -28.76
N GLY B 501 -31.91 12.88 -29.98
CA GLY B 501 -31.67 12.00 -31.11
C GLY B 501 -32.45 10.72 -30.94
N ASP B 502 -31.78 9.59 -31.08
CA ASP B 502 -32.41 8.28 -30.85
C ASP B 502 -32.94 8.14 -29.43
N PHE B 503 -32.46 8.96 -28.49
CA PHE B 503 -32.79 8.86 -27.06
C PHE B 503 -33.67 10.00 -26.55
N ALA B 504 -34.26 10.77 -27.47
CA ALA B 504 -35.12 11.90 -27.11
C ALA B 504 -36.24 11.40 -26.20
N GLY B 505 -36.37 12.05 -25.06
CA GLY B 505 -37.38 11.71 -24.07
C GLY B 505 -37.05 10.63 -23.08
N MET B 506 -35.90 10.00 -23.22
CA MET B 506 -35.53 8.90 -22.30
C MET B 506 -34.86 9.37 -21.02
N GLY B 507 -34.31 10.57 -21.02
CA GLY B 507 -33.81 11.10 -19.76
C GLY B 507 -32.60 10.34 -19.22
N ASN B 508 -32.40 10.44 -17.91
CA ASN B 508 -31.31 9.80 -17.18
C ASN B 508 -31.58 8.30 -17.06
N ASN B 509 -30.55 7.54 -16.70
CA ASN B 509 -30.73 6.11 -16.51
C ASN B 509 -31.76 5.82 -15.44
N GLN B 510 -32.32 4.62 -15.59
CA GLN B 510 -33.63 4.27 -15.01
C GLN B 510 -33.59 2.90 -14.33
N MET B 511 -34.58 2.66 -13.47
CA MET B 511 -34.94 1.30 -13.04
C MET B 511 -36.44 1.17 -13.29
N LEU B 512 -36.78 0.02 -13.86
CA LEU B 512 -38.14 -0.33 -14.22
C LEU B 512 -38.50 -1.65 -13.55
N CYS B 513 -39.79 -1.95 -13.50
CA CYS B 513 -40.28 -3.18 -12.92
C CYS B 513 -41.25 -3.81 -13.90
N ALA B 514 -41.09 -5.11 -14.06
CA ALA B 514 -41.89 -5.86 -15.00
C ALA B 514 -42.58 -7.07 -14.38
N ASP B 515 -43.73 -7.40 -14.95
CA ASP B 515 -44.39 -8.68 -14.70
C ASP B 515 -43.99 -9.63 -15.83
N PRO B 516 -43.13 -10.63 -15.51
CA PRO B 516 -42.64 -11.49 -16.59
C PRO B 516 -43.71 -12.32 -17.29
N ALA B 517 -44.82 -12.59 -16.60
CA ALA B 517 -45.91 -13.39 -17.16
C ALA B 517 -46.79 -12.60 -18.10
N THR B 518 -46.85 -11.27 -17.94
CA THR B 518 -47.71 -10.47 -18.80
C THR B 518 -46.97 -9.57 -19.79
N GLY B 519 -45.68 -9.37 -19.56
CA GLY B 519 -44.90 -8.43 -20.38
C GLY B 519 -45.00 -6.96 -20.01
N GLU B 520 -45.80 -6.63 -19.00
CA GLU B 520 -46.00 -5.22 -18.61
C GLU B 520 -44.77 -4.68 -17.90
N ILE B 521 -44.36 -3.48 -18.29
CA ILE B 521 -43.17 -2.80 -17.76
C ILE B 521 -43.54 -1.39 -17.33
N ARG B 522 -43.19 -1.02 -16.11
CA ARG B 522 -43.46 0.31 -15.58
C ARG B 522 -42.18 0.94 -15.06
N ARG B 523 -42.00 2.23 -15.33
CA ARG B 523 -40.82 2.96 -14.84
C ARG B 523 -40.95 3.25 -13.34
N PHE B 524 -39.93 2.91 -12.55
CA PHE B 524 -39.98 3.01 -11.10
C PHE B 524 -39.07 4.11 -10.55
N MET B 525 -37.83 4.21 -11.07
CA MET B 525 -36.89 5.17 -10.54
C MET B 525 -36.09 5.77 -11.67
N VAL B 526 -35.70 7.04 -11.47
CA VAL B 526 -34.71 7.67 -12.34
C VAL B 526 -33.57 8.13 -11.48
N GLY B 527 -32.34 7.91 -11.95
CA GLY B 527 -31.17 8.34 -11.21
C GLY B 527 -30.63 9.71 -11.59
N PRO B 528 -29.53 10.12 -10.93
CA PRO B 528 -28.95 11.43 -11.13
C PRO B 528 -28.08 11.55 -12.39
N ILE B 529 -27.53 12.74 -12.60
CA ILE B 529 -26.87 13.06 -13.85
C ILE B 529 -25.55 12.28 -14.00
N GLY B 530 -25.38 11.66 -15.17
CA GLY B 530 -24.14 11.00 -15.50
C GLY B 530 -23.93 9.61 -14.92
N CYS B 531 -24.89 9.14 -14.13
CA CYS B 531 -24.81 7.82 -13.51
C CYS B 531 -25.30 6.72 -14.40
N GLU B 532 -24.99 5.48 -14.03
CA GLU B 532 -25.81 4.35 -14.40
C GLU B 532 -26.39 3.74 -13.14
N VAL B 533 -27.52 3.04 -13.30
CA VAL B 533 -28.20 2.37 -12.21
C VAL B 533 -27.80 0.89 -12.29
N THR B 534 -27.19 0.39 -11.22
CA THR B 534 -26.60 -0.93 -11.27
C THR B 534 -26.45 -1.48 -9.86
N GLY B 535 -26.61 -2.81 -9.74
CA GLY B 535 -26.63 -3.42 -8.42
C GLY B 535 -28.00 -3.40 -7.79
N ILE B 536 -28.44 -4.57 -7.33
CA ILE B 536 -29.72 -4.67 -6.68
C ILE B 536 -29.72 -5.80 -5.66
N SER B 537 -30.28 -5.52 -4.49
CA SER B 537 -30.49 -6.51 -3.42
CA SER B 537 -30.54 -6.55 -3.50
C SER B 537 -31.71 -6.07 -2.64
N PHE B 538 -32.32 -7.01 -1.93
CA PHE B 538 -33.47 -6.73 -1.07
C PHE B 538 -33.17 -7.15 0.35
N SER B 539 -33.72 -6.42 1.30
CA SER B 539 -33.76 -6.93 2.67
C SER B 539 -34.59 -8.24 2.65
N PRO B 540 -34.33 -9.15 3.61
CA PRO B 540 -35.13 -10.36 3.62
C PRO B 540 -36.65 -10.12 3.62
N ASP B 541 -37.13 -9.11 4.37
CA ASP B 541 -38.57 -8.78 4.43
C ASP B 541 -39.11 -8.02 3.22
N GLN B 542 -38.25 -7.68 2.26
CA GLN B 542 -38.61 -7.05 1.00
C GLN B 542 -39.11 -5.62 1.14
N LYS B 543 -38.87 -5.02 2.30
CA LYS B 543 -39.33 -3.65 2.57
C LYS B 543 -38.25 -2.63 2.25
N THR B 544 -37.02 -3.10 1.98
CA THR B 544 -35.94 -2.24 1.53
C THR B 544 -35.35 -2.83 0.25
N LEU B 545 -35.29 -2.00 -0.77
CA LEU B 545 -34.62 -2.33 -2.02
C LEU B 545 -33.33 -1.51 -2.04
N PHE B 546 -32.20 -2.21 -2.08
CA PHE B 546 -30.92 -1.55 -2.22
C PHE B 546 -30.50 -1.49 -3.69
N VAL B 547 -30.05 -0.34 -4.16
CA VAL B 547 -29.71 -0.16 -5.56
C VAL B 547 -28.48 0.75 -5.68
N GLY B 548 -27.59 0.43 -6.62
CA GLY B 548 -26.38 1.23 -6.77
C GLY B 548 -26.57 2.35 -7.78
N ILE B 549 -25.95 3.48 -7.47
CA ILE B 549 -25.82 4.62 -8.36
C ILE B 549 -24.33 4.73 -8.65
N GLN B 550 -23.96 4.37 -9.88
CA GLN B 550 -22.56 4.26 -10.26
C GLN B 550 -22.11 5.48 -11.09
N HIS B 551 -20.92 5.97 -10.77
CA HIS B 551 -20.25 7.11 -11.41
C HIS B 551 -21.14 8.32 -11.67
N PRO B 552 -21.93 8.75 -10.69
CA PRO B 552 -22.61 10.02 -10.93
C PRO B 552 -21.62 11.10 -11.37
N GLY B 553 -22.00 11.90 -12.35
CA GLY B 553 -21.11 12.94 -12.81
C GLY B 553 -19.92 12.47 -13.63
N GLU B 554 -20.04 11.35 -14.35
CA GLU B 554 -18.91 10.86 -15.10
C GLU B 554 -18.35 11.91 -16.09
N ASN B 555 -19.23 12.78 -16.59
CA ASN B 555 -18.81 13.86 -17.48
C ASN B 555 -18.92 15.26 -16.86
N GLY B 556 -18.85 15.31 -15.52
N GLY B 556 -18.89 15.30 -15.53
CA GLY B 556 -18.69 16.58 -14.77
CA GLY B 556 -19.22 16.52 -14.83
C GLY B 556 -19.97 17.34 -14.38
C GLY B 556 -20.72 16.69 -14.69
N GLY B 557 -21.13 16.67 -14.46
N GLY B 557 -21.11 17.78 -14.05
CA GLY B 557 -22.41 17.37 -14.30
CA GLY B 557 -22.51 18.10 -13.93
C GLY B 557 -23.25 17.03 -13.07
C GLY B 557 -23.27 17.35 -12.84
N SER B 558 -22.60 16.56 -12.00
CA SER B 558 -23.28 16.05 -10.79
C SER B 558 -22.55 16.42 -9.48
N THR B 559 -23.34 16.66 -8.43
CA THR B 559 -22.83 16.76 -7.06
C THR B 559 -23.50 15.73 -6.14
N PHE B 560 -24.15 14.71 -6.73
CA PHE B 560 -24.88 13.70 -5.97
C PHE B 560 -23.92 12.79 -5.20
N PRO B 561 -24.25 12.41 -3.95
CA PRO B 561 -25.49 12.69 -3.22
C PRO B 561 -25.43 13.86 -2.26
N GLU B 562 -24.26 14.37 -1.94
CA GLU B 562 -24.18 15.37 -0.85
C GLU B 562 -24.64 16.74 -1.28
N HIS B 563 -24.50 17.02 -2.56
CA HIS B 563 -24.89 18.31 -3.12
C HIS B 563 -24.29 19.50 -2.42
N LEU B 564 -23.01 19.39 -2.09
CA LEU B 564 -22.29 20.53 -1.60
C LEU B 564 -22.02 21.45 -2.81
N PRO B 565 -21.88 22.77 -2.56
CA PRO B 565 -21.64 23.67 -3.67
C PRO B 565 -20.37 23.32 -4.43
N ASN B 566 -20.48 23.13 -5.74
CA ASN B 566 -19.35 22.73 -6.57
C ASN B 566 -18.62 21.52 -5.98
N GLY B 567 -19.39 20.63 -5.37
CA GLY B 567 -18.87 19.46 -4.69
C GLY B 567 -18.52 18.30 -5.60
N LYS B 568 -18.10 17.21 -4.96
CA LYS B 568 -17.63 16.02 -5.65
C LYS B 568 -18.69 14.94 -5.55
N PRO B 569 -19.16 14.44 -6.70
CA PRO B 569 -20.15 13.37 -6.65
C PRO B 569 -19.49 12.04 -6.27
N ARG B 570 -20.28 11.16 -5.66
CA ARG B 570 -19.76 9.88 -5.14
C ARG B 570 -20.73 8.77 -5.44
N SER B 571 -20.22 7.72 -6.08
CA SER B 571 -20.98 6.49 -6.27
C SER B 571 -21.51 6.05 -4.92
N SER B 572 -22.77 5.62 -4.90
CA SER B 572 -23.45 5.31 -3.65
C SER B 572 -24.37 4.11 -3.79
N VAL B 573 -24.56 3.38 -2.69
CA VAL B 573 -25.63 2.39 -2.58
C VAL B 573 -26.76 3.08 -1.85
N MET B 574 -27.93 3.07 -2.49
CA MET B 574 -29.16 3.69 -1.97
C MET B 574 -30.10 2.65 -1.40
N ALA B 575 -30.81 3.05 -0.34
CA ALA B 575 -31.86 2.24 0.27
C ALA B 575 -33.19 2.89 -0.10
N ILE B 576 -34.04 2.12 -0.78
CA ILE B 576 -35.36 2.58 -1.25
C ILE B 576 -36.41 1.90 -0.38
N THR B 577 -37.30 2.70 0.20
CA THR B 577 -38.34 2.20 1.10
C THR B 577 -39.67 2.91 0.82
N ARG B 578 -40.73 2.36 1.37
CA ARG B 578 -42.06 2.97 1.33
C ARG B 578 -42.29 3.72 2.62
N GLU B 579 -42.86 4.91 2.52
CA GLU B 579 -43.18 5.69 3.70
C GLU B 579 -44.14 4.94 4.64
N ASP B 580 -45.01 4.11 4.07
CA ASP B 580 -45.97 3.32 4.85
C ASP B 580 -45.41 2.00 5.42
N GLY B 581 -44.12 1.72 5.19
CA GLY B 581 -43.43 0.55 5.73
C GLY B 581 -43.66 -0.74 4.95
N GLY B 582 -44.36 -0.67 3.82
CA GLY B 582 -44.70 -1.86 3.04
C GLY B 582 -43.62 -2.41 2.11
N ILE B 583 -43.99 -3.48 1.41
CA ILE B 583 -43.07 -4.17 0.50
C ILE B 583 -42.85 -3.35 -0.77
N VAL B 584 -41.59 -3.18 -1.13
CA VAL B 584 -41.28 -2.37 -2.29
C VAL B 584 -41.83 -2.98 -3.58
N GLY B 585 -42.56 -2.18 -4.34
CA GLY B 585 -43.14 -2.61 -5.62
C GLY B 585 -44.57 -3.10 -5.53
N ALA B 586 -45.02 -3.42 -4.32
CA ALA B 586 -46.31 -4.07 -4.09
C ALA B 586 -47.40 -3.02 -3.93
N HIS B 587 -48.64 -3.46 -3.84
CA HIS B 587 -49.74 -2.50 -3.68
C HIS B 587 -49.77 -1.83 -2.35
N HIS B 588 -50.37 -0.65 -2.31
CA HIS B 588 -50.52 0.15 -1.09
C HIS B 588 -51.81 -0.13 -0.36
#